data_4YG7
#
_entry.id   4YG7
#
_cell.length_a   228.200
_cell.length_b   228.200
_cell.length_c   130.800
_cell.angle_alpha   90.000
_cell.angle_beta   90.000
_cell.angle_gamma   90.000
#
_symmetry.space_group_name_H-M   'P 43 21 2'
#
loop_
_entity.id
_entity.type
_entity.pdbx_description
1 polymer 'Antitoxin HipB'
2 polymer 'Serine/threonine-protein kinase HipA'
3 polymer 'DNA (50-MER)'
4 polymer 'DNA (50-MER)'
#
loop_
_entity_poly.entity_id
_entity_poly.type
_entity_poly.pdbx_seq_one_letter_code
_entity_poly.pdbx_strand_id
1 'polypeptide(L)' FQKIYSPTQLANAMKLVRQQNGWTQSELAKKIGIKQATISNFENNPDNTTLTTFFKILQSLELSMTLCDAK B,E,C,G
2 'polypeptide(L)'
;PKLVTWMNNQRVGELTKLANGAHTFKYAPEWLASRYARPLSLSLPLQRGNITSDAVFNFFDNLLPDSPIVRDRIVKRYHA
KSRQPFDLLSEIGRDSVGAVTLIPEDETVTHPIMAWEKLTEARLEEVLTAYKADIPLGMIREENDFRISVAGAQEKTALL
RIGNDWCIPKGITPTTHIIKLPIGEIRQPNATLDLSQSVDNEYYCLLLAKELGLNVPDAEIIKAGNVRALAVERFDRRWN
AERTVLLRLPQEDMCQTFGLPSSVKYESDGGPGIARIMAFLMGSSEALKDRYDFMKFQVFQWLIGATQGHAKNFSVFIQA
GGSYRLTPFYDIISAFPVLGGTGIHISDLKLAMGLNASKGKKTAIDKIYPRHFLATAKVLRFPEVQMHEILSDFARMIPA
ALDNVKTSLPTDFPENVVTAVESNVLRLHGRLSREY
;
D,K
3 'polydeoxyribonucleotide'
;(DG)(DC)(DT)(DT)(DA)(DT)(DC)(DC)(DC)(DC)(DT)(DT)(DA)(DA)(DG)(DG)(DG)(DG)(DA)(DT)
(DA)(DT)(DA)(DT)(DA)(DT)(DA)(DT)(DA)(DT)(DA)(DT)(DA)(DT)(DC)(DC)(DC)(DC)(DT)(DT)
(DA)(DA)(DG)(DG)(DG)(DG)(DA)(DT)(DA)(DA)
;
R
4 'polydeoxyribonucleotide'
;(DG)(DC)(DT)(DT)(DA)(DT)(DC)(DC)(DC)(DC)(DT)(DT)(DA)(DA)(DG)(DG)(DG)(DG)(DA)(DT)
(DA)(DT)(DA)(DT)(DA)(DT)(DA)(DT)(DA)(DT)(DA)(DT)(DA)(DT)(DC)(DC)(DC)(DC)(DT)(DT)
(DA)(DA)(DG)(DG)(DG)(DG)(DA)(DT)(DA)(DG)
;
T
#
# COMPACT_ATOMS: atom_id res chain seq x y z
N PHE A 1 13.93 -7.63 51.47
CA PHE A 1 12.87 -6.98 50.69
C PHE A 1 12.04 -6.02 51.53
N GLN A 2 12.37 -4.72 51.51
CA GLN A 2 11.53 -3.78 52.23
C GLN A 2 11.38 -2.49 51.44
N LYS A 3 11.09 -1.38 52.12
CA LYS A 3 10.97 -0.07 51.46
C LYS A 3 12.38 0.56 51.39
N ILE A 4 12.99 0.66 50.19
CA ILE A 4 14.36 1.21 50.01
C ILE A 4 14.37 2.71 49.87
N TYR A 5 15.56 3.31 49.67
CA TYR A 5 15.69 4.76 49.51
C TYR A 5 17.09 5.26 49.21
N SER A 6 18.12 4.52 49.63
CA SER A 6 19.50 4.92 49.39
C SER A 6 20.25 3.95 48.49
N PRO A 7 21.28 4.44 47.78
CA PRO A 7 22.05 3.60 46.87
C PRO A 7 22.72 2.49 47.64
N THR A 8 23.30 2.93 48.73
CA THR A 8 24.04 2.06 49.62
C THR A 8 23.17 0.97 50.23
N GLN A 9 21.85 1.23 50.34
CA GLN A 9 20.97 0.27 50.94
C GLN A 9 20.77 -0.88 49.96
N LEU A 10 20.77 -0.55 48.68
CA LEU A 10 20.56 -1.59 47.69
C LEU A 10 21.81 -2.42 47.57
N ALA A 11 22.96 -1.78 47.71
CA ALA A 11 24.21 -2.51 47.62
C ALA A 11 24.34 -3.57 48.71
N ASN A 12 24.30 -3.11 49.95
CA ASN A 12 24.37 -4.01 51.09
C ASN A 12 23.38 -5.12 50.85
N ALA A 13 22.15 -4.76 50.55
CA ALA A 13 21.12 -5.74 50.34
C ALA A 13 21.50 -6.79 49.30
N MET A 14 22.02 -6.38 48.15
CA MET A 14 22.37 -7.37 47.15
C MET A 14 23.39 -8.38 47.57
N LYS A 15 24.50 -7.89 48.11
CA LYS A 15 25.51 -8.81 48.56
C LYS A 15 24.86 -9.77 49.57
N LEU A 16 24.03 -9.23 50.45
CA LEU A 16 23.32 -10.02 51.47
C LEU A 16 22.92 -11.30 50.81
N VAL A 17 22.56 -11.17 49.56
CA VAL A 17 22.09 -12.28 48.79
C VAL A 17 23.20 -13.01 48.01
N ARG A 18 23.80 -12.33 47.03
CA ARG A 18 24.84 -12.95 46.22
C ARG A 18 25.74 -13.83 47.05
N GLN A 19 26.07 -13.36 48.23
CA GLN A 19 26.91 -14.15 49.11
C GLN A 19 26.08 -15.28 49.70
N GLN A 20 25.04 -14.93 50.45
CA GLN A 20 24.20 -15.93 51.09
C GLN A 20 23.68 -16.95 50.11
N ASN A 21 23.84 -16.66 48.83
CA ASN A 21 23.39 -17.59 47.83
C ASN A 21 24.56 -18.49 47.46
N GLY A 22 25.74 -18.13 47.97
CA GLY A 22 26.93 -18.90 47.68
C GLY A 22 27.74 -18.27 46.56
N TRP A 23 27.06 -17.56 45.67
CA TRP A 23 27.72 -16.90 44.54
C TRP A 23 28.60 -15.79 45.04
N THR A 24 29.31 -15.16 44.11
CA THR A 24 30.22 -14.09 44.46
C THR A 24 30.49 -13.14 43.31
N GLN A 25 31.32 -12.15 43.56
CA GLN A 25 31.69 -11.17 42.54
C GLN A 25 32.52 -11.77 41.42
N SER A 26 33.63 -12.39 41.78
CA SER A 26 34.53 -13.02 40.82
C SER A 26 33.77 -13.64 39.64
N GLU A 27 32.70 -14.38 39.94
CA GLU A 27 31.90 -15.03 38.91
C GLU A 27 30.82 -14.12 38.36
N LEU A 28 30.20 -13.33 39.22
CA LEU A 28 29.14 -12.43 38.79
C LEU A 28 29.49 -11.75 37.50
N ALA A 29 30.51 -10.90 37.57
CA ALA A 29 30.97 -10.13 36.41
C ALA A 29 31.54 -11.00 35.29
N LYS A 30 31.59 -12.31 35.54
CA LYS A 30 32.11 -13.25 34.56
C LYS A 30 31.02 -13.56 33.52
N LYS A 31 29.78 -13.65 34.01
CA LYS A 31 28.57 -13.99 33.22
C LYS A 31 27.84 -12.84 32.50
N ILE A 32 27.46 -11.81 33.25
CA ILE A 32 26.76 -10.68 32.68
C ILE A 32 27.71 -9.79 31.88
N GLY A 33 28.93 -10.30 31.67
CA GLY A 33 29.95 -9.60 30.89
C GLY A 33 30.37 -8.21 31.33
N ILE A 34 30.89 -8.10 32.54
CA ILE A 34 31.36 -6.81 33.04
C ILE A 34 32.73 -7.01 33.68
N LYS A 35 33.11 -6.10 34.56
CA LYS A 35 34.39 -6.16 35.26
C LYS A 35 34.20 -6.49 36.74
N GLN A 36 35.19 -7.17 37.27
CA GLN A 36 35.17 -7.59 38.66
C GLN A 36 35.03 -6.36 39.53
N ALA A 37 36.00 -5.49 39.37
CA ALA A 37 36.06 -4.25 40.12
C ALA A 37 34.68 -3.61 40.10
N THR A 38 34.08 -3.58 38.93
CA THR A 38 32.79 -2.94 38.79
C THR A 38 31.86 -3.39 39.90
N ILE A 39 31.55 -4.66 39.94
CA ILE A 39 30.66 -5.09 40.96
C ILE A 39 31.19 -4.73 42.31
N SER A 40 32.52 -4.78 42.37
CA SER A 40 33.21 -4.49 43.63
C SER A 40 33.02 -3.07 44.14
N ASN A 41 33.46 -2.15 43.32
CA ASN A 41 33.20 -0.77 43.73
C ASN A 41 31.76 -0.53 43.95
N PHE A 42 31.03 -0.71 42.86
CA PHE A 42 29.65 -0.51 42.87
C PHE A 42 29.14 -1.07 44.19
N GLU A 43 29.63 -2.24 44.60
CA GLU A 43 29.12 -2.81 45.84
C GLU A 43 29.26 -1.86 47.03
N ASN A 44 30.48 -1.40 47.29
CA ASN A 44 30.72 -0.55 48.44
C ASN A 44 30.39 0.95 48.26
N ASN A 45 30.58 1.47 47.04
CA ASN A 45 30.32 2.88 46.71
C ASN A 45 29.32 3.07 45.57
N PRO A 46 28.17 2.37 45.63
CA PRO A 46 27.14 2.45 44.58
C PRO A 46 26.51 3.82 44.35
N ASP A 47 26.94 4.83 45.08
CA ASP A 47 26.36 6.17 44.91
C ASP A 47 26.65 6.83 43.56
N ASN A 48 27.63 6.31 42.83
CA ASN A 48 28.03 6.86 41.54
C ASN A 48 27.94 5.86 40.40
N THR A 49 27.54 4.63 40.69
CA THR A 49 27.42 3.68 39.62
C THR A 49 26.17 4.10 38.89
N THR A 50 26.00 3.57 37.69
CA THR A 50 24.82 3.94 36.93
C THR A 50 23.79 2.81 36.91
N LEU A 51 22.59 3.14 36.45
CA LEU A 51 21.50 2.17 36.40
C LEU A 51 21.66 1.12 35.32
N THR A 52 22.44 1.40 34.27
CA THR A 52 22.63 0.40 33.22
C THR A 52 23.35 -0.82 33.74
N THR A 53 24.02 -0.65 34.88
CA THR A 53 24.73 -1.74 35.46
C THR A 53 23.85 -2.34 36.54
N PHE A 54 23.09 -1.48 37.21
CA PHE A 54 22.18 -1.90 38.25
C PHE A 54 21.44 -3.15 37.81
N PHE A 55 21.10 -3.20 36.53
CA PHE A 55 20.38 -4.34 36.00
C PHE A 55 21.29 -5.53 35.61
N LYS A 56 22.36 -5.29 34.85
CA LYS A 56 23.25 -6.40 34.46
C LYS A 56 23.47 -7.30 35.65
N ILE A 57 23.44 -6.70 36.83
CA ILE A 57 23.61 -7.42 38.08
C ILE A 57 22.34 -8.22 38.38
N LEU A 58 21.19 -7.56 38.32
CA LEU A 58 19.93 -8.24 38.60
C LEU A 58 19.75 -9.49 37.80
N GLN A 59 20.52 -9.65 36.73
CA GLN A 59 20.42 -10.85 35.88
C GLN A 59 21.26 -11.96 36.53
N SER A 60 22.56 -11.71 36.70
CA SER A 60 23.41 -12.71 37.31
C SER A 60 23.02 -12.79 38.79
N LEU A 61 21.78 -12.41 39.08
CA LEU A 61 21.27 -12.41 40.45
C LEU A 61 19.87 -12.97 40.50
N GLU A 62 19.36 -13.41 39.35
CA GLU A 62 18.00 -13.96 39.30
C GLU A 62 17.07 -13.08 40.09
N LEU A 63 17.42 -11.80 40.19
CA LEU A 63 16.60 -10.88 40.95
C LEU A 63 16.30 -9.62 40.15
N SER A 64 15.31 -8.88 40.61
CA SER A 64 14.93 -7.65 39.95
C SER A 64 14.11 -6.81 40.89
N MET A 65 13.74 -5.61 40.45
CA MET A 65 12.98 -4.71 41.29
C MET A 65 11.69 -4.23 40.70
N THR A 66 11.14 -3.24 41.36
CA THR A 66 9.90 -2.62 40.96
C THR A 66 9.61 -1.51 41.89
N LEU A 67 8.70 -0.67 41.46
CA LEU A 67 8.32 0.44 42.28
C LEU A 67 7.23 0.02 43.21
N CYS A 68 7.06 0.82 44.25
CA CYS A 68 6.11 0.51 45.25
C CYS A 68 5.62 1.79 45.89
N ASP A 69 4.33 1.84 46.20
CA ASP A 69 3.74 3.01 46.81
C ASP A 69 4.21 3.18 48.24
N PRO B 1 -11.90 6.35 10.87
CA PRO B 1 -11.32 7.59 11.45
C PRO B 1 -10.63 7.32 12.78
N LYS B 2 -11.35 6.66 13.68
CA LYS B 2 -10.82 6.35 14.99
C LYS B 2 -10.85 4.85 15.23
N LEU B 3 -9.97 4.12 14.55
CA LEU B 3 -9.89 2.67 14.73
C LEU B 3 -9.51 2.33 16.18
N VAL B 4 -10.45 1.80 16.96
CA VAL B 4 -10.18 1.45 18.37
C VAL B 4 -9.56 0.08 18.47
N THR B 5 -8.32 0.03 18.93
CA THR B 5 -7.62 -1.23 19.04
C THR B 5 -7.97 -1.92 20.33
N TRP B 6 -8.04 -3.23 20.29
CA TRP B 6 -8.36 -4.02 21.47
C TRP B 6 -7.34 -5.11 21.67
N MET B 7 -7.41 -5.73 22.86
CA MET B 7 -6.50 -6.81 23.21
C MET B 7 -7.30 -7.81 24.05
N ASN B 8 -7.68 -8.91 23.40
CA ASN B 8 -8.45 -9.98 24.04
C ASN B 8 -9.60 -9.49 24.93
N ASN B 9 -10.59 -8.87 24.29
CA ASN B 9 -11.77 -8.32 24.95
C ASN B 9 -11.40 -7.33 26.05
N GLN B 10 -10.63 -6.33 25.65
CA GLN B 10 -10.17 -5.29 26.56
C GLN B 10 -9.98 -4.02 25.76
N ARG B 11 -10.74 -2.99 26.12
CA ARG B 11 -10.67 -1.73 25.42
C ARG B 11 -9.32 -1.04 25.65
N VAL B 12 -8.32 -1.41 24.84
CA VAL B 12 -6.97 -0.86 24.95
C VAL B 12 -6.95 0.66 24.75
N GLY B 13 -7.22 1.08 23.51
CA GLY B 13 -7.25 2.50 23.19
C GLY B 13 -7.82 2.85 21.82
N GLU B 14 -7.73 4.12 21.45
CA GLU B 14 -8.22 4.58 20.15
C GLU B 14 -7.06 5.07 19.30
N LEU B 15 -7.08 4.69 18.03
CA LEU B 15 -6.07 5.07 17.06
C LEU B 15 -6.71 6.07 16.13
N THR B 16 -6.55 7.36 16.41
CA THR B 16 -7.15 8.38 15.56
C THR B 16 -6.26 8.82 14.38
N LYS B 17 -6.91 9.33 13.33
CA LYS B 17 -6.24 9.83 12.13
C LYS B 17 -6.79 11.24 11.87
N LEU B 18 -5.89 12.22 11.86
CA LEU B 18 -6.28 13.61 11.61
C LEU B 18 -6.69 13.83 10.17
N ALA B 19 -7.16 15.05 9.89
CA ALA B 19 -7.58 15.39 8.54
C ALA B 19 -6.45 15.13 7.52
N ASN B 20 -5.30 15.77 7.72
CA ASN B 20 -4.15 15.62 6.81
C ASN B 20 -3.72 14.17 6.60
N GLY B 21 -4.19 13.27 7.46
CA GLY B 21 -3.87 11.88 7.34
C GLY B 21 -2.87 11.40 8.39
N ALA B 22 -2.74 12.14 9.49
CA ALA B 22 -1.81 11.78 10.56
C ALA B 22 -2.13 10.48 11.28
N HIS B 23 -1.08 9.87 11.81
CA HIS B 23 -1.21 8.61 12.52
C HIS B 23 -0.81 8.74 13.97
N THR B 24 -1.70 9.30 14.78
CA THR B 24 -1.48 9.50 16.22
C THR B 24 -2.04 8.35 17.04
N PHE B 25 -2.00 8.47 18.37
CA PHE B 25 -2.57 7.46 19.24
C PHE B 25 -2.83 7.97 20.65
N LYS B 26 -3.77 7.34 21.35
CA LYS B 26 -4.13 7.73 22.70
C LYS B 26 -4.69 6.56 23.45
N TYR B 27 -4.10 6.34 24.62
CA TYR B 27 -4.52 5.24 25.49
C TYR B 27 -5.70 5.53 26.41
N ALA B 28 -6.67 4.59 26.42
CA ALA B 28 -7.88 4.66 27.28
C ALA B 28 -7.44 4.46 28.73
N PRO B 29 -7.89 5.36 29.60
CA PRO B 29 -7.58 5.36 31.02
C PRO B 29 -7.86 4.00 31.63
N GLU B 30 -8.95 3.41 31.15
CA GLU B 30 -9.36 2.10 31.63
C GLU B 30 -8.19 1.13 31.55
N TRP B 31 -7.44 1.21 30.46
CA TRP B 31 -6.34 0.30 30.29
C TRP B 31 -5.17 0.70 31.18
N LEU B 32 -4.98 2.00 31.33
CA LEU B 32 -3.94 2.57 32.19
C LEU B 32 -3.97 2.05 33.60
N ALA B 33 -5.10 2.37 34.22
CA ALA B 33 -5.44 2.05 35.59
C ALA B 33 -5.29 0.60 35.98
N SER B 34 -4.99 -0.26 35.02
CA SER B 34 -4.82 -1.64 35.37
C SER B 34 -3.39 -1.96 35.63
N ARG B 35 -3.31 -2.81 36.63
CA ARG B 35 -2.14 -3.39 37.19
C ARG B 35 -1.32 -4.05 36.08
N TYR B 36 -2.04 -4.48 35.05
CA TYR B 36 -1.55 -5.20 33.87
C TYR B 36 -0.95 -4.46 32.72
N ALA B 37 -1.50 -3.28 32.52
CA ALA B 37 -1.14 -2.46 31.38
C ALA B 37 0.20 -2.76 30.70
N ARG B 38 0.21 -2.65 29.36
CA ARG B 38 1.41 -2.84 28.53
C ARG B 38 1.22 -2.25 27.13
N PRO B 39 2.22 -1.52 26.62
CA PRO B 39 2.09 -0.94 25.28
C PRO B 39 2.16 -1.99 24.19
N LEU B 40 1.47 -1.72 23.08
CA LEU B 40 1.47 -2.64 21.93
C LEU B 40 2.90 -3.11 21.63
N SER B 41 3.84 -2.19 21.86
CA SER B 41 5.25 -2.42 21.68
C SER B 41 5.94 -1.41 22.53
N LEU B 42 7.18 -1.72 22.86
CA LEU B 42 7.92 -0.76 23.65
C LEU B 42 8.16 0.47 22.78
N SER B 43 7.80 0.39 21.51
CA SER B 43 7.98 1.52 20.66
C SER B 43 7.06 2.62 21.18
N LEU B 44 5.91 2.21 21.70
CA LEU B 44 4.96 3.19 22.22
C LEU B 44 4.44 2.77 23.55
N PRO B 45 5.22 3.03 24.58
CA PRO B 45 4.86 2.71 25.96
C PRO B 45 3.80 3.67 26.47
N LEU B 46 3.10 3.18 27.50
CA LEU B 46 1.99 3.86 28.16
C LEU B 46 2.27 5.32 28.43
N GLN B 47 1.23 6.13 28.46
CA GLN B 47 1.34 7.57 28.72
C GLN B 47 0.00 8.23 28.61
N ARG B 48 -0.13 9.43 29.16
CA ARG B 48 -1.43 10.09 29.15
C ARG B 48 -1.74 11.15 28.11
N GLY B 49 -1.43 10.88 26.84
CA GLY B 49 -1.72 11.87 25.81
C GLY B 49 -1.46 11.46 24.37
N ASN B 50 -2.20 12.06 23.45
CA ASN B 50 -2.03 11.74 22.04
C ASN B 50 -0.55 11.58 21.72
N ILE B 51 -0.23 10.55 20.94
CA ILE B 51 1.15 10.28 20.54
C ILE B 51 1.40 10.95 19.21
N THR B 52 2.65 11.01 18.77
CA THR B 52 2.92 11.69 17.50
C THR B 52 4.14 11.18 16.76
N SER B 53 4.98 10.45 17.45
CA SER B 53 6.16 9.95 16.81
C SER B 53 5.79 9.05 15.65
N ASP B 54 6.80 8.72 14.85
CA ASP B 54 6.67 7.87 13.67
C ASP B 54 6.25 6.45 14.01
N ALA B 55 6.69 5.98 15.16
CA ALA B 55 6.32 4.64 15.55
C ALA B 55 4.79 4.49 15.48
N VAL B 56 4.07 5.51 15.94
CA VAL B 56 2.60 5.46 15.96
C VAL B 56 2.15 4.95 14.61
N PHE B 57 2.95 5.26 13.61
CA PHE B 57 2.69 4.85 12.23
C PHE B 57 3.44 3.55 11.90
N ASN B 58 4.68 3.45 12.35
CA ASN B 58 5.44 2.25 12.05
C ASN B 58 4.78 0.97 12.55
N PHE B 59 4.69 0.81 13.86
CA PHE B 59 4.08 -0.39 14.43
C PHE B 59 2.80 -0.77 13.65
N PHE B 60 1.96 0.19 13.34
CA PHE B 60 0.77 -0.18 12.65
C PHE B 60 1.11 -0.71 11.30
N ASP B 61 2.20 -0.21 10.71
CA ASP B 61 2.57 -0.66 9.36
C ASP B 61 2.96 -2.13 9.28
N ASN B 62 3.73 -2.58 10.25
CA ASN B 62 4.16 -3.97 10.23
C ASN B 62 2.99 -4.94 10.39
N LEU B 63 1.90 -4.41 10.95
CA LEU B 63 0.69 -5.19 11.21
C LEU B 63 0.17 -5.89 9.96
N LEU B 64 -0.17 -5.08 8.97
CA LEU B 64 -0.67 -5.55 7.70
C LEU B 64 0.48 -6.09 6.87
N PRO B 65 0.23 -7.18 6.15
CA PRO B 65 1.23 -7.82 5.30
C PRO B 65 2.08 -6.76 4.63
N ASP B 66 3.37 -7.00 4.64
CA ASP B 66 4.33 -6.08 4.06
C ASP B 66 4.25 -5.96 2.54
N SER B 67 4.13 -7.09 1.84
CA SER B 67 4.04 -7.15 0.37
C SER B 67 2.96 -6.24 -0.27
N PRO B 68 3.38 -5.32 -1.16
CA PRO B 68 2.37 -4.45 -1.78
C PRO B 68 1.54 -5.38 -2.69
N ILE B 69 2.18 -6.50 -3.02
CA ILE B 69 1.58 -7.54 -3.85
C ILE B 69 0.18 -7.72 -3.30
N VAL B 70 0.13 -8.02 -2.00
CA VAL B 70 -1.10 -8.26 -1.27
C VAL B 70 -1.87 -6.98 -1.01
N ARG B 71 -1.16 -5.92 -0.62
CA ARG B 71 -1.81 -4.66 -0.34
C ARG B 71 -2.80 -4.33 -1.42
N ASP B 72 -2.34 -4.25 -2.66
CA ASP B 72 -3.22 -3.94 -3.77
C ASP B 72 -4.39 -4.93 -3.75
N ARG B 73 -4.09 -6.18 -3.45
CA ARG B 73 -5.14 -7.18 -3.40
C ARG B 73 -6.15 -6.80 -2.33
N ILE B 74 -5.66 -6.13 -1.28
CA ILE B 74 -6.51 -5.70 -0.18
C ILE B 74 -7.57 -4.70 -0.63
N VAL B 75 -7.13 -3.48 -0.89
CA VAL B 75 -8.08 -2.48 -1.32
C VAL B 75 -8.93 -3.09 -2.38
N LYS B 76 -8.29 -3.90 -3.22
CA LYS B 76 -8.98 -4.54 -4.33
C LYS B 76 -10.11 -5.42 -3.91
N ARG B 77 -9.76 -6.52 -3.24
CA ARG B 77 -10.76 -7.48 -2.78
C ARG B 77 -11.67 -6.95 -1.65
N TYR B 78 -11.29 -5.86 -0.98
CA TYR B 78 -12.08 -5.37 0.14
C TYR B 78 -12.58 -3.94 0.14
N HIS B 79 -12.74 -3.32 -1.01
CA HIS B 79 -13.26 -1.95 -1.04
C HIS B 79 -12.57 -0.95 -0.10
N ALA B 80 -11.24 -1.02 0.00
CA ALA B 80 -10.52 -0.10 0.88
C ALA B 80 -10.77 1.38 0.52
N LYS B 81 -9.83 2.27 0.87
CA LYS B 81 -9.95 3.71 0.56
C LYS B 81 -8.60 4.36 0.28
N SER B 82 -7.54 3.57 0.39
CA SER B 82 -6.18 4.06 0.14
C SER B 82 -5.15 2.98 0.43
N ARG B 83 -3.96 3.08 -0.15
CA ARG B 83 -2.93 2.10 0.11
C ARG B 83 -2.24 2.39 1.44
N GLN B 84 -2.78 3.37 2.18
CA GLN B 84 -2.27 3.79 3.50
C GLN B 84 -2.49 2.72 4.58
N PRO B 85 -1.57 2.63 5.57
CA PRO B 85 -1.73 1.64 6.63
C PRO B 85 -3.07 1.76 7.37
N PHE B 86 -3.33 2.91 7.97
CA PHE B 86 -4.56 3.09 8.71
C PHE B 86 -5.81 2.57 7.98
N ASP B 87 -5.87 2.82 6.67
CA ASP B 87 -6.99 2.41 5.84
C ASP B 87 -7.17 0.89 5.71
N LEU B 88 -6.18 0.19 5.15
CA LEU B 88 -6.27 -1.25 4.97
C LEU B 88 -6.77 -1.89 6.23
N LEU B 89 -6.38 -1.30 7.36
CA LEU B 89 -6.82 -1.81 8.65
C LEU B 89 -8.26 -1.38 8.94
N SER B 90 -8.56 -0.10 8.71
CA SER B 90 -9.90 0.42 8.95
C SER B 90 -11.00 -0.59 8.60
N GLU B 91 -10.74 -1.42 7.57
CA GLU B 91 -11.72 -2.43 7.16
C GLU B 91 -11.35 -3.85 7.60
N ILE B 92 -10.11 -4.29 7.35
CA ILE B 92 -9.73 -5.65 7.78
C ILE B 92 -9.16 -5.68 9.19
N GLY B 93 -9.94 -5.13 10.12
CA GLY B 93 -9.51 -5.09 11.51
C GLY B 93 -9.64 -6.37 12.30
N ARG B 94 -10.24 -7.39 11.68
CA ARG B 94 -10.42 -8.67 12.34
C ARG B 94 -9.06 -9.23 12.79
N ASP B 95 -8.56 -10.24 12.06
CA ASP B 95 -7.26 -10.90 12.38
C ASP B 95 -6.03 -10.02 12.15
N SER B 96 -5.13 -9.99 13.12
CA SER B 96 -3.90 -9.21 13.00
C SER B 96 -2.78 -9.85 13.84
N VAL B 97 -1.62 -10.11 13.25
CA VAL B 97 -0.52 -10.71 14.01
C VAL B 97 -0.47 -9.93 15.33
N GLY B 98 -0.38 -10.65 16.46
CA GLY B 98 -0.36 -9.95 17.75
C GLY B 98 -1.77 -9.51 18.17
N ALA B 99 -2.04 -9.55 19.48
CA ALA B 99 -3.34 -9.26 20.11
C ALA B 99 -4.15 -8.07 19.61
N VAL B 100 -4.03 -7.77 18.33
CA VAL B 100 -4.70 -6.62 17.79
C VAL B 100 -6.09 -6.78 17.20
N THR B 101 -6.95 -5.86 17.60
CA THR B 101 -8.33 -5.86 17.16
C THR B 101 -8.69 -4.43 16.78
N LEU B 102 -9.01 -4.22 15.52
CA LEU B 102 -9.41 -2.91 15.04
C LEU B 102 -10.85 -2.82 14.57
N ILE B 103 -11.68 -2.15 15.35
CA ILE B 103 -13.06 -1.99 15.01
C ILE B 103 -13.48 -0.61 15.48
N PRO B 104 -14.18 0.16 14.62
CA PRO B 104 -14.68 1.51 14.89
C PRO B 104 -15.45 1.64 16.21
N GLU B 105 -16.15 2.76 16.37
CA GLU B 105 -16.94 3.02 17.57
C GLU B 105 -18.41 2.78 17.32
N ASP B 106 -18.69 2.13 16.20
CA ASP B 106 -20.06 1.79 15.81
C ASP B 106 -20.25 0.26 15.75
N GLU B 107 -19.53 -0.46 16.61
CA GLU B 107 -19.62 -1.93 16.64
C GLU B 107 -19.27 -2.51 18.01
N THR B 108 -19.71 -1.85 19.08
CA THR B 108 -19.44 -2.34 20.44
C THR B 108 -20.22 -3.65 20.57
N VAL B 109 -21.06 -3.91 19.56
CA VAL B 109 -21.92 -5.10 19.48
C VAL B 109 -21.16 -6.41 19.78
N THR B 110 -21.89 -7.41 20.27
CA THR B 110 -21.30 -8.71 20.60
C THR B 110 -21.26 -9.61 19.36
N HIS B 111 -20.52 -9.18 18.35
CA HIS B 111 -20.38 -9.95 17.11
C HIS B 111 -20.00 -11.39 17.43
N PRO B 112 -20.08 -12.29 16.44
CA PRO B 112 -19.73 -13.70 16.65
C PRO B 112 -18.42 -13.89 17.45
N ILE B 113 -18.51 -14.13 18.76
CA ILE B 113 -17.31 -14.32 19.58
C ILE B 113 -16.67 -15.67 19.33
N MET B 114 -17.45 -16.61 18.83
CA MET B 114 -16.95 -17.95 18.53
C MET B 114 -17.79 -18.63 17.46
N ALA B 115 -17.24 -18.76 16.26
CA ALA B 115 -17.94 -19.41 15.16
C ALA B 115 -17.00 -19.69 13.99
N TRP B 116 -17.22 -20.81 13.30
CA TRP B 116 -16.37 -21.19 12.17
C TRP B 116 -17.10 -22.15 11.24
N GLU B 117 -16.40 -22.60 10.21
CA GLU B 117 -16.99 -23.53 9.25
C GLU B 117 -15.92 -24.48 8.70
N LYS B 118 -16.01 -25.75 9.07
CA LYS B 118 -15.08 -26.77 8.62
C LYS B 118 -14.94 -26.80 7.11
N LEU B 119 -13.74 -27.12 6.66
CA LEU B 119 -13.47 -27.19 5.24
C LEU B 119 -13.53 -28.62 4.75
N THR B 120 -13.97 -28.77 3.51
CA THR B 120 -14.05 -30.06 2.86
C THR B 120 -12.60 -30.46 2.51
N GLU B 121 -12.40 -31.68 2.00
CA GLU B 121 -11.05 -32.13 1.65
C GLU B 121 -10.65 -31.52 0.30
N ALA B 122 -11.60 -30.84 -0.32
CA ALA B 122 -11.38 -30.19 -1.61
C ALA B 122 -11.17 -28.70 -1.38
N ARG B 123 -12.03 -28.09 -0.56
CA ARG B 123 -11.91 -26.68 -0.24
C ARG B 123 -10.56 -26.38 0.41
N LEU B 124 -9.91 -27.43 0.91
CA LEU B 124 -8.61 -27.31 1.56
C LEU B 124 -7.57 -27.04 0.47
N GLU B 125 -7.97 -27.31 -0.77
CA GLU B 125 -7.09 -27.10 -1.90
C GLU B 125 -7.63 -25.95 -2.71
N GLU B 126 -8.78 -25.44 -2.29
CA GLU B 126 -9.46 -24.34 -2.96
C GLU B 126 -9.19 -22.97 -2.33
N VAL B 127 -9.22 -22.90 -1.02
CA VAL B 127 -9.01 -21.64 -0.32
C VAL B 127 -7.64 -21.05 -0.56
N LEU B 128 -6.69 -21.91 -0.89
CA LEU B 128 -5.25 -21.58 -1.12
C LEU B 128 -5.01 -20.89 -2.44
N THR B 129 -5.60 -21.58 -3.42
CA THR B 129 -5.52 -21.31 -4.82
C THR B 129 -6.09 -19.89 -4.82
N ALA B 130 -7.07 -19.64 -3.93
CA ALA B 130 -7.81 -18.36 -3.70
C ALA B 130 -6.85 -17.27 -3.13
N TYR B 131 -5.94 -17.68 -2.23
CA TYR B 131 -4.96 -16.70 -1.69
C TYR B 131 -3.89 -16.33 -2.71
N LYS B 132 -3.26 -17.35 -3.32
CA LYS B 132 -2.19 -17.25 -4.38
C LYS B 132 -2.69 -16.51 -5.64
N ALA B 133 -3.88 -16.89 -6.13
CA ALA B 133 -4.48 -16.23 -7.30
C ALA B 133 -6.03 -16.20 -7.19
N ASP B 145 -16.85 -14.65 5.53
CA ASP B 145 -15.96 -13.53 5.85
C ASP B 145 -14.51 -13.93 5.98
N PHE B 146 -13.78 -13.84 4.87
CA PHE B 146 -12.41 -14.20 4.94
C PHE B 146 -11.58 -13.04 5.50
N ARG B 147 -11.72 -12.81 6.81
CA ARG B 147 -11.02 -11.71 7.48
C ARG B 147 -9.68 -12.09 8.16
N ILE B 148 -8.67 -12.36 7.33
CA ILE B 148 -7.33 -12.78 7.78
C ILE B 148 -6.21 -11.94 7.17
N SER B 149 -5.11 -11.81 7.90
CA SER B 149 -3.96 -11.01 7.47
C SER B 149 -2.64 -11.50 8.08
N VAL B 150 -1.72 -11.95 7.21
CA VAL B 150 -0.43 -12.43 7.68
C VAL B 150 0.73 -11.67 7.04
N ALA B 151 1.55 -11.07 7.89
CA ALA B 151 2.71 -10.28 7.47
C ALA B 151 3.98 -11.11 7.24
N GLY B 152 4.63 -10.90 6.10
CA GLY B 152 5.86 -11.63 5.83
C GLY B 152 6.50 -11.50 4.46
N ALA B 153 6.85 -12.67 3.92
CA ALA B 153 7.55 -12.81 2.65
C ALA B 153 6.73 -13.06 1.35
N GLN B 154 6.01 -14.18 1.22
CA GLN B 154 5.24 -14.40 -0.01
C GLN B 154 3.74 -14.51 0.18
N GLU B 155 3.13 -15.50 -0.47
CA GLU B 155 1.67 -15.68 -0.38
C GLU B 155 1.26 -16.63 0.76
N LYS B 156 0.62 -16.08 1.80
CA LYS B 156 0.16 -16.91 2.92
C LYS B 156 -0.94 -16.32 3.80
N THR B 157 -1.59 -17.20 4.54
CA THR B 157 -2.66 -16.78 5.44
C THR B 157 -2.83 -17.83 6.52
N ALA B 158 -3.59 -17.48 7.55
CA ALA B 158 -3.81 -18.36 8.68
C ALA B 158 -5.19 -18.98 8.70
N LEU B 159 -5.36 -20.03 9.50
CA LEU B 159 -6.62 -20.72 9.65
C LEU B 159 -6.79 -21.40 10.99
N LEU B 160 -8.02 -21.83 11.27
CA LEU B 160 -8.36 -22.52 12.50
C LEU B 160 -8.19 -24.03 12.31
N ARG B 161 -7.94 -24.71 13.42
CA ARG B 161 -7.75 -26.15 13.42
C ARG B 161 -8.51 -26.76 14.60
N ILE B 162 -9.31 -27.79 14.34
CA ILE B 162 -10.08 -28.44 15.38
C ILE B 162 -10.12 -29.94 15.14
N GLY B 163 -9.27 -30.68 15.83
CA GLY B 163 -9.24 -32.12 15.66
C GLY B 163 -8.52 -32.55 14.39
N ASN B 164 -9.28 -32.66 13.30
CA ASN B 164 -8.72 -33.06 12.00
C ASN B 164 -9.29 -32.17 10.90
N ASP B 165 -10.12 -31.22 11.32
CA ASP B 165 -10.76 -30.27 10.43
C ASP B 165 -9.86 -29.08 10.12
N TRP B 166 -10.42 -28.11 9.40
CA TRP B 166 -9.72 -26.91 9.03
C TRP B 166 -10.78 -25.83 8.76
N CYS B 167 -11.41 -25.38 9.84
CA CYS B 167 -12.47 -24.36 9.77
C CYS B 167 -11.91 -23.00 9.33
N ILE B 168 -12.73 -21.96 9.46
CA ILE B 168 -12.32 -20.59 9.11
C ILE B 168 -12.85 -19.59 10.12
N PRO B 169 -11.96 -18.69 10.58
CA PRO B 169 -12.31 -17.67 11.56
C PRO B 169 -13.40 -16.77 11.02
N LYS B 170 -14.48 -16.66 11.79
CA LYS B 170 -15.62 -15.84 11.42
C LYS B 170 -15.94 -14.95 12.60
N GLY B 171 -16.17 -13.67 12.33
CA GLY B 171 -16.46 -12.74 13.42
C GLY B 171 -15.15 -12.27 14.05
N ILE B 172 -15.20 -11.70 15.24
CA ILE B 172 -13.96 -11.22 15.85
C ILE B 172 -13.09 -12.38 16.41
N THR B 173 -13.24 -13.55 15.80
CA THR B 173 -12.53 -14.78 16.19
C THR B 173 -11.21 -14.96 15.46
N PRO B 174 -10.18 -15.34 16.21
CA PRO B 174 -8.84 -15.57 15.68
C PRO B 174 -8.68 -16.91 14.97
N THR B 175 -7.42 -17.25 14.75
CA THR B 175 -7.06 -18.48 14.09
C THR B 175 -6.14 -19.24 15.01
N THR B 176 -5.32 -20.12 14.44
CA THR B 176 -4.40 -20.94 15.24
C THR B 176 -3.16 -21.34 14.49
N HIS B 177 -3.34 -21.78 13.25
CA HIS B 177 -2.21 -22.20 12.47
C HIS B 177 -1.87 -21.21 11.39
N ILE B 178 -0.72 -21.45 10.78
CA ILE B 178 -0.21 -20.62 9.70
C ILE B 178 -0.23 -21.50 8.45
N ILE B 179 -0.43 -20.89 7.29
CA ILE B 179 -0.43 -21.67 6.07
C ILE B 179 0.29 -20.94 4.94
N LYS B 180 1.54 -21.35 4.73
CA LYS B 180 2.40 -20.77 3.69
C LYS B 180 2.28 -21.56 2.39
N LEU B 181 2.77 -20.96 1.29
CA LEU B 181 2.72 -21.60 -0.02
C LEU B 181 4.07 -21.56 -0.73
N PRO B 182 4.32 -22.54 -1.64
CA PRO B 182 5.59 -22.59 -2.39
C PRO B 182 5.89 -21.27 -3.12
N ILE B 183 7.17 -20.91 -3.26
CA ILE B 183 7.51 -19.67 -3.94
C ILE B 183 7.44 -19.83 -5.45
N LEU B 195 13.38 -19.53 -6.72
CA LEU B 195 13.20 -20.82 -6.04
C LEU B 195 12.15 -21.67 -6.74
N SER B 196 12.17 -22.97 -6.45
CA SER B 196 11.23 -23.90 -7.04
C SER B 196 10.33 -24.46 -5.92
N GLN B 197 10.83 -24.42 -4.70
CA GLN B 197 10.08 -24.93 -3.56
C GLN B 197 10.28 -24.07 -2.32
N SER B 198 9.23 -23.98 -1.50
CA SER B 198 9.27 -23.19 -0.27
C SER B 198 8.77 -24.03 0.92
N VAL B 199 7.63 -24.68 0.73
CA VAL B 199 7.05 -25.50 1.78
C VAL B 199 8.01 -26.63 2.14
N ASP B 200 8.68 -27.16 1.12
CA ASP B 200 9.63 -28.26 1.28
C ASP B 200 10.90 -27.81 2.02
N ASN B 201 11.19 -26.51 1.97
CA ASN B 201 12.36 -25.95 2.64
C ASN B 201 11.99 -25.54 4.06
N GLU B 202 10.78 -25.01 4.23
CA GLU B 202 10.30 -24.56 5.54
C GLU B 202 10.18 -25.71 6.53
N TYR B 203 9.66 -26.84 6.07
CA TYR B 203 9.50 -28.00 6.93
C TYR B 203 10.87 -28.56 7.35
N TYR B 204 11.67 -28.92 6.35
CA TYR B 204 13.01 -29.48 6.58
C TYR B 204 13.85 -28.77 7.67
N CYS B 205 13.85 -27.44 7.64
CA CYS B 205 14.64 -26.67 8.59
C CYS B 205 14.09 -26.62 10.01
N LEU B 206 12.77 -26.65 10.15
CA LEU B 206 12.11 -26.56 11.45
C LEU B 206 12.24 -27.73 12.40
N LEU B 207 12.10 -28.95 11.88
CA LEU B 207 12.17 -30.15 12.71
C LEU B 207 13.55 -30.30 13.37
N LEU B 208 14.61 -29.99 12.62
CA LEU B 208 15.98 -30.10 13.15
C LEU B 208 16.24 -29.09 14.27
N ALA B 209 15.34 -28.10 14.37
CA ALA B 209 15.44 -27.07 15.39
C ALA B 209 15.18 -27.67 16.77
N LYS B 210 14.14 -28.51 16.84
CA LYS B 210 13.77 -29.18 18.07
C LYS B 210 14.82 -30.25 18.38
N GLU B 211 15.73 -30.49 17.43
CA GLU B 211 16.80 -31.49 17.56
C GLU B 211 18.14 -30.86 17.95
N LEU B 212 18.15 -29.53 18.05
CA LEU B 212 19.37 -28.82 18.41
C LEU B 212 19.14 -27.90 19.61
N GLY B 213 18.01 -28.10 20.29
CA GLY B 213 17.69 -27.31 21.47
C GLY B 213 17.17 -25.91 21.19
N LEU B 214 16.68 -25.70 19.98
CA LEU B 214 16.15 -24.40 19.60
C LEU B 214 14.64 -24.43 19.79
N ASN B 215 14.06 -23.28 20.12
CA ASN B 215 12.62 -23.23 20.31
C ASN B 215 11.91 -22.81 19.02
N VAL B 216 11.21 -23.76 18.41
CA VAL B 216 10.47 -23.51 17.18
C VAL B 216 9.09 -24.11 17.30
N PRO B 217 8.12 -23.60 16.50
CA PRO B 217 6.74 -24.10 16.53
C PRO B 217 6.57 -25.46 15.85
N ASP B 218 5.40 -26.05 16.06
CA ASP B 218 5.10 -27.34 15.48
C ASP B 218 4.54 -27.16 14.08
N ALA B 219 5.30 -27.59 13.09
CA ALA B 219 4.90 -27.47 11.70
C ALA B 219 4.66 -28.82 11.07
N GLU B 220 3.78 -28.84 10.06
CA GLU B 220 3.44 -30.07 9.37
C GLU B 220 3.32 -29.77 7.88
N ILE B 221 2.74 -30.69 7.12
CA ILE B 221 2.56 -30.52 5.69
C ILE B 221 1.17 -30.97 5.24
N ILE B 222 0.13 -30.42 5.86
CA ILE B 222 -1.24 -30.78 5.49
C ILE B 222 -1.41 -30.75 3.96
N LYS B 223 -1.99 -31.82 3.41
CA LYS B 223 -2.21 -31.93 1.94
C LYS B 223 -3.68 -31.71 1.56
N ALA B 224 -3.89 -31.10 0.40
CA ALA B 224 -5.25 -30.77 -0.05
C ALA B 224 -5.36 -30.82 -1.55
N GLY B 225 -5.53 -32.00 -2.11
CA GLY B 225 -5.62 -32.03 -3.56
C GLY B 225 -4.24 -31.99 -4.20
N ASN B 226 -3.94 -30.97 -5.00
CA ASN B 226 -2.61 -30.93 -5.61
C ASN B 226 -1.75 -29.81 -5.05
N VAL B 227 -1.93 -29.52 -3.78
CA VAL B 227 -1.16 -28.44 -3.20
C VAL B 227 -0.40 -28.85 -1.92
N ARG B 228 0.93 -28.96 -2.07
CA ARG B 228 1.79 -29.29 -0.94
C ARG B 228 1.86 -27.97 -0.22
N ALA B 229 1.08 -27.84 0.85
CA ALA B 229 1.04 -26.60 1.60
C ALA B 229 1.87 -26.71 2.86
N LEU B 230 2.03 -25.57 3.55
CA LEU B 230 2.78 -25.52 4.79
C LEU B 230 1.87 -25.02 5.89
N ALA B 231 2.21 -25.38 7.12
CA ALA B 231 1.42 -25.01 8.28
C ALA B 231 2.32 -24.76 9.47
N VAL B 232 1.90 -23.86 10.34
CA VAL B 232 2.67 -23.51 11.52
C VAL B 232 1.78 -23.20 12.72
N GLU B 233 2.30 -23.44 13.91
CA GLU B 233 1.57 -23.15 15.14
C GLU B 233 2.01 -21.79 15.66
N ARG B 234 1.08 -20.85 15.65
CA ARG B 234 1.35 -19.49 16.08
C ARG B 234 1.39 -19.38 17.59
N PHE B 235 2.59 -19.28 18.13
CA PHE B 235 2.76 -19.16 19.57
C PHE B 235 2.01 -17.96 20.12
N ASP B 236 1.68 -17.04 19.25
CA ASP B 236 0.93 -15.88 19.67
C ASP B 236 -0.50 -16.33 20.03
N ARG B 237 -0.85 -17.50 19.53
CA ARG B 237 -2.17 -18.09 19.76
C ARG B 237 -2.05 -19.27 20.71
N ARG B 238 -2.89 -19.29 21.74
CA ARG B 238 -2.82 -20.36 22.73
C ARG B 238 -4.19 -20.63 23.29
N TRP B 239 -4.53 -21.92 23.31
CA TRP B 239 -5.81 -22.36 23.82
C TRP B 239 -5.77 -22.42 25.34
N ASN B 240 -6.58 -21.59 26.00
CA ASN B 240 -6.62 -21.59 27.46
C ASN B 240 -7.09 -22.95 27.97
N ALA B 241 -6.92 -23.17 29.27
CA ALA B 241 -7.32 -24.44 29.86
C ALA B 241 -8.74 -24.83 29.45
N GLU B 242 -9.70 -24.03 29.91
CA GLU B 242 -11.13 -24.25 29.67
C GLU B 242 -11.46 -24.72 28.26
N ARG B 243 -10.56 -24.46 27.30
CA ARG B 243 -10.77 -24.85 25.92
C ARG B 243 -12.01 -24.20 25.30
N THR B 244 -12.72 -23.43 26.12
CA THR B 244 -13.94 -22.74 25.72
C THR B 244 -13.69 -21.43 24.97
N VAL B 245 -12.48 -20.90 25.05
CA VAL B 245 -12.12 -19.65 24.36
C VAL B 245 -10.65 -19.63 23.94
N LEU B 246 -10.42 -19.44 22.63
CA LEU B 246 -9.07 -19.39 22.12
C LEU B 246 -8.58 -17.96 22.34
N LEU B 247 -7.28 -17.77 22.54
CA LEU B 247 -6.75 -16.43 22.76
C LEU B 247 -5.40 -16.10 22.10
N ARG B 248 -5.27 -14.84 21.65
CA ARG B 248 -4.07 -14.32 21.01
C ARG B 248 -3.11 -13.82 22.09
N LEU B 249 -1.94 -13.39 21.67
CA LEU B 249 -0.94 -12.88 22.61
C LEU B 249 -0.13 -11.71 22.05
N PRO B 250 -0.20 -10.53 22.71
CA PRO B 250 0.55 -9.36 22.24
C PRO B 250 2.05 -9.67 22.03
N GLN B 251 2.48 -9.66 20.77
CA GLN B 251 3.87 -9.94 20.42
C GLN B 251 4.31 -9.07 19.23
N GLU B 252 5.60 -8.78 19.16
CA GLU B 252 6.17 -7.99 18.07
C GLU B 252 7.63 -8.44 17.84
N ASP B 253 8.18 -8.05 16.71
CA ASP B 253 9.55 -8.40 16.36
C ASP B 253 10.43 -7.18 16.58
N MET B 254 11.72 -7.42 16.83
CA MET B 254 12.67 -6.36 17.12
C MET B 254 12.39 -5.03 16.42
N CYS B 255 12.45 -5.02 15.09
CA CYS B 255 12.20 -3.78 14.35
C CYS B 255 11.00 -3.05 14.96
N GLN B 256 9.95 -3.80 15.25
CA GLN B 256 8.77 -3.17 15.83
C GLN B 256 9.08 -2.57 17.19
N THR B 257 9.69 -3.38 18.05
CA THR B 257 10.00 -2.94 19.39
C THR B 257 10.29 -1.46 19.43
N PHE B 258 11.35 -1.07 18.73
CA PHE B 258 11.76 0.32 18.70
C PHE B 258 10.68 1.16 18.01
N GLY B 259 10.21 0.71 16.84
CA GLY B 259 9.22 1.45 16.09
C GLY B 259 9.73 1.90 14.73
N LEU B 260 10.22 0.95 13.93
CA LEU B 260 10.74 1.23 12.59
C LEU B 260 9.87 0.63 11.47
N PRO B 261 9.95 1.22 10.27
CA PRO B 261 9.17 0.73 9.15
C PRO B 261 9.88 -0.45 8.56
N SER B 262 9.11 -1.27 7.85
CA SER B 262 9.60 -2.47 7.20
C SER B 262 10.87 -2.18 6.41
N SER B 263 10.95 -0.96 5.92
CA SER B 263 12.05 -0.52 5.13
C SER B 263 13.42 -0.99 5.54
N VAL B 264 13.75 -0.69 6.78
CA VAL B 264 15.07 -0.94 7.28
C VAL B 264 15.31 -2.29 7.94
N LYS B 265 14.53 -3.24 7.46
CA LYS B 265 14.61 -4.63 7.87
C LYS B 265 16.03 -5.09 8.05
N TYR B 266 16.70 -5.25 6.92
CA TYR B 266 18.06 -5.71 6.94
C TYR B 266 19.03 -4.68 7.40
N GLU B 267 20.10 -5.16 8.02
CA GLU B 267 21.10 -4.27 8.55
C GLU B 267 21.75 -3.31 7.54
N SER B 268 22.22 -3.85 6.42
CA SER B 268 22.85 -3.04 5.34
C SER B 268 21.98 -1.88 4.85
N ASP B 269 20.72 -1.96 5.24
CA ASP B 269 19.75 -0.97 4.88
C ASP B 269 19.42 -0.08 6.11
N GLY B 270 20.13 -0.25 7.23
CA GLY B 270 19.86 0.59 8.39
C GLY B 270 18.97 0.09 9.51
N GLY B 271 18.89 -1.23 9.65
CA GLY B 271 18.06 -1.78 10.69
C GLY B 271 18.91 -2.18 11.89
N PRO B 272 18.33 -2.85 12.88
CA PRO B 272 19.02 -3.30 14.09
C PRO B 272 19.88 -4.54 13.79
N GLY B 273 21.03 -4.68 14.47
CA GLY B 273 21.89 -5.82 14.21
C GLY B 273 22.06 -6.75 15.38
N ILE B 274 23.01 -7.67 15.26
CA ILE B 274 23.30 -8.63 16.34
C ILE B 274 23.60 -7.79 17.56
N ALA B 275 24.31 -6.70 17.33
CA ALA B 275 24.67 -5.80 18.40
C ALA B 275 23.44 -5.18 19.08
N ARG B 276 22.76 -4.26 18.44
CA ARG B 276 21.61 -3.69 19.08
C ARG B 276 20.74 -4.73 19.76
N ILE B 277 20.62 -5.86 19.11
CA ILE B 277 19.81 -6.96 19.58
C ILE B 277 20.18 -7.36 20.96
N MET B 278 21.40 -7.92 21.03
CA MET B 278 21.92 -8.47 22.24
C MET B 278 21.66 -7.45 23.27
N ALA B 279 22.18 -6.27 22.99
CA ALA B 279 22.05 -5.17 23.93
C ALA B 279 20.65 -4.95 24.40
N PHE B 280 19.69 -5.41 23.63
CA PHE B 280 18.32 -5.21 24.03
C PHE B 280 17.68 -6.44 24.68
N LEU B 281 18.43 -7.52 24.60
CA LEU B 281 18.06 -8.80 25.12
C LEU B 281 18.31 -8.73 26.60
N MET B 282 19.20 -7.84 27.00
CA MET B 282 19.58 -7.67 28.40
C MET B 282 18.40 -7.20 29.23
N GLY B 283 17.41 -6.61 28.58
CA GLY B 283 16.24 -6.09 29.26
C GLY B 283 15.24 -7.20 29.40
N SER B 284 15.41 -8.25 28.59
CA SER B 284 14.49 -9.35 28.72
C SER B 284 14.36 -9.70 30.19
N SER B 285 13.17 -10.20 30.43
CA SER B 285 12.72 -10.66 31.71
C SER B 285 13.47 -11.98 31.91
N GLU B 286 14.02 -12.49 30.82
CA GLU B 286 14.76 -13.75 30.80
C GLU B 286 16.08 -13.55 30.10
N ALA B 287 16.66 -12.41 30.36
CA ALA B 287 17.90 -11.98 29.76
C ALA B 287 18.97 -12.97 29.29
N LEU B 288 19.51 -13.80 30.17
CA LEU B 288 20.59 -14.66 29.74
C LEU B 288 20.22 -15.74 28.75
N LYS B 289 19.01 -16.26 28.88
CA LYS B 289 18.57 -17.33 27.99
C LYS B 289 18.39 -16.81 26.58
N ASP B 290 17.50 -15.84 26.43
CA ASP B 290 17.21 -15.26 25.13
C ASP B 290 18.52 -15.04 24.39
N ARG B 291 19.52 -14.51 25.08
CA ARG B 291 20.80 -14.26 24.45
C ARG B 291 21.43 -15.57 24.03
N TYR B 292 21.64 -16.44 25.01
CA TYR B 292 22.26 -17.74 24.77
C TYR B 292 21.72 -18.33 23.49
N ASP B 293 20.41 -18.49 23.47
CA ASP B 293 19.75 -19.05 22.31
C ASP B 293 19.97 -18.19 21.07
N PHE B 294 19.86 -16.87 21.23
CA PHE B 294 20.03 -16.00 20.08
C PHE B 294 21.34 -16.28 19.38
N MET B 295 22.41 -16.33 20.15
CA MET B 295 23.71 -16.57 19.60
C MET B 295 23.69 -17.92 18.91
N LYS B 296 23.33 -18.93 19.69
CA LYS B 296 23.26 -20.29 19.20
C LYS B 296 22.62 -20.34 17.82
N PHE B 297 21.58 -19.55 17.65
CA PHE B 297 20.85 -19.50 16.40
C PHE B 297 21.67 -18.84 15.31
N GLN B 298 22.52 -17.89 15.71
CA GLN B 298 23.34 -17.18 14.76
C GLN B 298 24.39 -18.11 14.18
N VAL B 299 24.84 -19.04 15.01
CA VAL B 299 25.85 -20.00 14.60
C VAL B 299 25.20 -21.07 13.73
N PHE B 300 23.93 -21.30 13.98
CA PHE B 300 23.16 -22.27 13.24
C PHE B 300 22.86 -21.74 11.84
N GLN B 301 22.40 -20.49 11.77
CA GLN B 301 22.06 -19.85 10.51
C GLN B 301 23.31 -19.73 9.66
N TRP B 302 24.42 -20.27 10.17
CA TRP B 302 25.68 -20.22 9.45
C TRP B 302 25.93 -21.56 8.76
N LEU B 303 25.74 -22.64 9.52
CA LEU B 303 25.96 -23.97 8.98
C LEU B 303 24.85 -24.43 8.05
N ILE B 304 23.82 -23.62 7.88
CA ILE B 304 22.74 -24.03 7.01
C ILE B 304 22.50 -23.11 5.85
N GLY B 305 22.80 -21.84 6.02
CA GLY B 305 22.57 -20.92 4.93
C GLY B 305 21.21 -20.26 5.02
N ALA B 306 20.92 -19.75 6.21
CA ALA B 306 19.69 -19.01 6.45
C ALA B 306 20.20 -17.60 6.21
N THR B 307 20.03 -17.13 4.99
CA THR B 307 20.51 -15.82 4.59
C THR B 307 19.50 -14.75 4.90
N GLN B 308 18.31 -15.21 5.30
CA GLN B 308 17.16 -14.35 5.54
C GLN B 308 16.93 -13.81 6.96
N GLY B 309 17.92 -13.99 7.85
CA GLY B 309 17.74 -13.58 9.25
C GLY B 309 17.55 -12.11 9.57
N HIS B 310 16.37 -11.55 9.33
CA HIS B 310 16.20 -10.14 9.61
C HIS B 310 15.35 -9.78 10.83
N ALA B 311 15.17 -8.48 11.01
CA ALA B 311 14.43 -7.91 12.13
C ALA B 311 13.01 -8.40 12.29
N LYS B 312 12.33 -8.70 11.18
CA LYS B 312 10.95 -9.17 11.22
C LYS B 312 10.78 -10.69 11.27
N ASN B 313 11.65 -11.36 12.04
CA ASN B 313 11.61 -12.83 12.19
C ASN B 313 11.88 -13.20 13.64
N PHE B 314 12.41 -12.23 14.38
CA PHE B 314 12.75 -12.42 15.78
C PHE B 314 11.87 -11.56 16.62
N SER B 315 10.75 -12.13 17.05
CA SER B 315 9.85 -11.38 17.87
C SER B 315 10.03 -11.65 19.35
N VAL B 316 9.31 -10.84 20.13
CA VAL B 316 9.35 -10.87 21.58
C VAL B 316 7.95 -10.78 22.12
N PHE B 317 7.71 -11.47 23.22
CA PHE B 317 6.39 -11.40 23.80
C PHE B 317 6.28 -10.08 24.52
N ILE B 318 5.04 -9.75 24.88
CA ILE B 318 4.76 -8.50 25.59
C ILE B 318 3.99 -8.86 26.82
N GLN B 319 4.58 -8.54 27.97
CA GLN B 319 4.01 -8.85 29.28
C GLN B 319 3.62 -7.60 30.07
N ALA B 320 2.73 -7.74 31.04
CA ALA B 320 2.29 -6.60 31.86
C ALA B 320 3.49 -5.82 32.38
N GLY B 321 3.27 -4.53 32.57
CA GLY B 321 4.33 -3.71 33.13
C GLY B 321 5.53 -3.42 32.26
N GLY B 322 5.60 -4.04 31.09
CA GLY B 322 6.70 -3.78 30.16
C GLY B 322 7.68 -4.90 29.96
N SER B 323 7.35 -6.03 30.54
CA SER B 323 8.19 -7.18 30.46
C SER B 323 8.14 -7.79 29.09
N TYR B 324 9.18 -8.55 28.75
CA TYR B 324 9.25 -9.19 27.45
C TYR B 324 10.38 -10.18 27.42
N ARG B 325 10.30 -11.11 26.50
CA ARG B 325 11.36 -12.10 26.39
C ARG B 325 11.51 -12.43 24.93
N LEU B 326 12.42 -13.34 24.64
CA LEU B 326 12.66 -13.76 23.26
C LEU B 326 11.75 -14.93 22.88
N THR B 327 10.69 -14.67 22.09
CA THR B 327 9.80 -15.75 21.68
C THR B 327 10.47 -16.70 20.69
N PRO B 328 9.83 -17.84 20.41
CA PRO B 328 10.45 -18.77 19.48
C PRO B 328 10.74 -18.07 18.17
N PHE B 329 11.72 -18.57 17.44
CA PHE B 329 12.12 -17.99 16.17
C PHE B 329 11.34 -18.61 15.04
N TYR B 330 10.79 -17.78 14.14
CA TYR B 330 10.02 -18.31 13.04
C TYR B 330 10.54 -17.87 11.69
N ASP B 331 9.78 -18.26 10.67
CA ASP B 331 10.09 -17.93 9.29
C ASP B 331 11.46 -18.45 8.89
N ILE B 332 12.08 -19.22 9.77
CA ILE B 332 13.38 -19.79 9.48
C ILE B 332 13.37 -20.53 8.14
N ILE B 333 14.46 -20.42 7.40
CA ILE B 333 14.58 -21.07 6.10
C ILE B 333 15.98 -20.90 5.55
N SER B 334 16.46 -21.94 4.86
CA SER B 334 17.79 -21.91 4.28
C SER B 334 17.78 -21.68 2.79
N ALA B 335 18.83 -21.03 2.30
CA ALA B 335 18.97 -20.71 0.87
C ALA B 335 19.92 -21.69 0.16
N PHE B 336 19.81 -22.97 0.49
CA PHE B 336 20.64 -23.99 -0.14
C PHE B 336 20.01 -24.64 -1.40
N PRO B 337 18.69 -24.51 -1.59
CA PRO B 337 18.03 -25.09 -2.76
C PRO B 337 18.66 -24.70 -4.10
N VAL B 338 18.89 -23.40 -4.28
CA VAL B 338 19.48 -22.88 -5.50
C VAL B 338 21.00 -22.84 -5.38
N LEU B 339 21.60 -24.01 -5.12
CA LEU B 339 23.05 -24.14 -5.00
C LEU B 339 23.62 -25.13 -5.99
N GLY B 340 24.94 -25.19 -6.07
CA GLY B 340 25.61 -26.11 -6.97
C GLY B 340 25.41 -25.87 -8.46
N GLY B 341 24.41 -26.54 -9.03
CA GLY B 341 24.13 -26.40 -10.45
C GLY B 341 23.18 -25.26 -10.76
N THR B 342 23.44 -24.10 -10.15
CA THR B 342 22.63 -22.90 -10.37
C THR B 342 23.51 -21.65 -10.40
N GLY B 343 22.93 -20.53 -10.85
CA GLY B 343 23.68 -19.30 -10.91
C GLY B 343 24.32 -18.94 -9.58
N ILE B 344 23.51 -18.47 -8.63
CA ILE B 344 24.01 -18.07 -7.31
C ILE B 344 24.72 -19.21 -6.59
N HIS B 345 25.96 -18.96 -6.18
CA HIS B 345 26.75 -19.97 -5.47
C HIS B 345 26.95 -19.58 -4.01
N ILE B 346 27.30 -20.57 -3.18
CA ILE B 346 27.52 -20.37 -1.75
C ILE B 346 28.53 -19.24 -1.47
N SER B 347 29.41 -18.97 -2.43
CA SER B 347 30.40 -17.92 -2.29
C SER B 347 29.74 -16.55 -2.15
N ASP B 348 28.74 -16.29 -2.99
CA ASP B 348 28.03 -15.02 -2.96
C ASP B 348 27.01 -14.92 -1.83
N LEU B 349 26.65 -16.05 -1.24
CA LEU B 349 25.69 -16.05 -0.14
C LEU B 349 26.24 -15.24 1.01
N LYS B 350 25.37 -14.50 1.69
CA LYS B 350 25.78 -13.66 2.80
C LYS B 350 24.80 -13.77 3.97
N LEU B 351 25.35 -13.76 5.18
CA LEU B 351 24.55 -13.84 6.40
C LEU B 351 23.72 -12.58 6.52
N ALA B 352 22.46 -12.75 6.92
CA ALA B 352 21.55 -11.61 7.07
C ALA B 352 22.15 -10.56 7.99
N MET B 353 22.51 -10.98 9.19
CA MET B 353 23.12 -10.09 10.16
C MET B 353 24.63 -10.08 9.96
N GLY B 354 25.24 -8.93 10.25
CA GLY B 354 26.67 -8.77 10.07
C GLY B 354 27.49 -9.39 11.18
N LEU B 355 28.69 -9.82 10.83
CA LEU B 355 29.59 -10.42 11.80
C LEU B 355 30.70 -9.43 12.07
N ASN B 356 31.45 -9.67 13.14
CA ASN B 356 32.58 -8.83 13.44
C ASN B 356 33.77 -9.73 13.10
N ALA B 357 34.68 -9.17 12.31
CA ALA B 357 35.88 -9.87 11.87
C ALA B 357 36.98 -8.87 12.16
N SER B 358 38.15 -9.07 11.58
CA SER B 358 39.27 -8.15 11.77
C SER B 358 39.09 -6.98 10.79
N LYS B 359 38.46 -7.31 9.66
CA LYS B 359 38.23 -6.42 8.52
C LYS B 359 36.85 -5.74 8.43
N GLY B 360 36.60 -4.74 9.26
CA GLY B 360 35.32 -4.03 9.20
C GLY B 360 34.19 -4.87 9.82
N LYS B 361 33.58 -5.73 9.00
CA LYS B 361 32.53 -6.69 9.42
C LYS B 361 32.63 -7.79 8.35
N LYS B 362 32.20 -9.01 8.64
CA LYS B 362 32.26 -10.01 7.62
C LYS B 362 30.93 -10.69 7.67
N THR B 363 30.48 -11.11 6.51
CA THR B 363 29.19 -11.71 6.47
C THR B 363 29.21 -12.90 5.52
N ALA B 364 30.19 -12.93 4.62
CA ALA B 364 30.33 -14.02 3.65
C ALA B 364 30.35 -15.37 4.34
N ILE B 365 29.17 -15.97 4.47
CA ILE B 365 29.00 -17.26 5.11
C ILE B 365 30.10 -18.25 4.76
N ASP B 366 30.26 -18.52 3.48
CA ASP B 366 31.27 -19.46 3.04
C ASP B 366 32.62 -19.39 3.77
N LYS B 367 33.18 -18.19 3.92
CA LYS B 367 34.50 -18.07 4.58
C LYS B 367 34.54 -17.77 6.08
N ILE B 368 33.39 -17.93 6.73
CA ILE B 368 33.22 -17.64 8.15
C ILE B 368 33.60 -18.75 9.14
N TYR B 369 34.82 -18.69 9.68
CA TYR B 369 35.30 -19.68 10.64
C TYR B 369 34.98 -19.23 12.09
N PRO B 370 34.88 -20.19 13.04
CA PRO B 370 34.56 -19.84 14.43
C PRO B 370 35.35 -18.65 14.93
N ARG B 371 36.64 -18.61 14.56
CA ARG B 371 37.52 -17.53 14.97
C ARG B 371 36.75 -16.21 15.03
N HIS B 372 35.97 -15.94 13.99
CA HIS B 372 35.18 -14.72 13.93
C HIS B 372 34.13 -14.68 15.01
N PHE B 373 33.30 -15.71 15.08
CA PHE B 373 32.28 -15.76 16.10
C PHE B 373 32.91 -15.51 17.44
N LEU B 374 34.10 -16.04 17.63
CA LEU B 374 34.81 -15.89 18.88
C LEU B 374 35.07 -14.43 19.21
N ALA B 375 35.39 -13.64 18.19
CA ALA B 375 35.65 -12.23 18.42
C ALA B 375 34.32 -11.59 18.80
N THR B 376 33.29 -11.93 18.05
CA THR B 376 31.96 -11.38 18.28
C THR B 376 31.66 -11.47 19.75
N ALA B 377 31.49 -12.69 20.22
CA ALA B 377 31.19 -12.92 21.62
C ALA B 377 32.12 -12.07 22.48
N LYS B 378 33.33 -11.87 21.99
CA LYS B 378 34.28 -11.08 22.73
C LYS B 378 33.91 -9.61 22.74
N VAL B 379 33.41 -9.12 21.61
CA VAL B 379 33.04 -7.71 21.52
C VAL B 379 31.78 -7.36 22.29
N LEU B 380 30.80 -8.24 22.26
CA LEU B 380 29.56 -7.99 22.97
C LEU B 380 29.75 -8.37 24.43
N ARG B 381 30.96 -8.80 24.77
CA ARG B 381 31.29 -9.21 26.13
C ARG B 381 30.36 -10.32 26.64
N PHE B 382 30.26 -11.37 25.84
CA PHE B 382 29.44 -12.52 26.17
C PHE B 382 30.47 -13.56 26.58
N PRO B 383 30.36 -14.07 27.82
CA PRO B 383 31.30 -15.09 28.31
C PRO B 383 31.77 -16.05 27.23
N GLU B 384 33.05 -15.95 26.88
CA GLU B 384 33.64 -16.79 25.84
C GLU B 384 33.25 -18.24 26.04
N VAL B 385 33.28 -18.68 27.29
CA VAL B 385 32.94 -20.05 27.62
C VAL B 385 31.50 -20.37 27.21
N GLN B 386 30.61 -19.39 27.34
CA GLN B 386 29.22 -19.58 26.97
C GLN B 386 29.07 -19.80 25.48
N MET B 387 29.95 -19.16 24.70
CA MET B 387 29.89 -19.32 23.25
C MET B 387 30.45 -20.69 22.93
N HIS B 388 31.54 -21.04 23.60
CA HIS B 388 32.20 -22.33 23.41
C HIS B 388 31.18 -23.44 23.59
N GLU B 389 30.47 -23.44 24.72
CA GLU B 389 29.47 -24.47 24.99
C GLU B 389 28.51 -24.56 23.81
N ILE B 390 28.22 -23.43 23.20
CA ILE B 390 27.31 -23.40 22.06
C ILE B 390 28.03 -23.90 20.81
N LEU B 391 29.21 -23.33 20.55
CA LEU B 391 30.00 -23.71 19.39
C LEU B 391 30.34 -25.19 19.43
N SER B 392 30.85 -25.62 20.58
CA SER B 392 31.23 -27.02 20.80
C SER B 392 30.04 -27.96 20.67
N ASP B 393 28.84 -27.50 21.04
CA ASP B 393 27.64 -28.33 20.97
C ASP B 393 27.40 -28.82 19.55
N PHE B 394 27.80 -28.03 18.56
CA PHE B 394 27.61 -28.39 17.16
C PHE B 394 28.91 -28.98 16.58
N ALA B 395 29.67 -29.68 17.41
CA ALA B 395 30.92 -30.29 17.00
C ALA B 395 30.81 -31.81 16.92
N ARG B 396 29.61 -32.32 17.22
CA ARG B 396 29.38 -33.76 17.17
C ARG B 396 27.91 -34.21 17.12
N MET B 397 26.99 -33.26 17.19
CA MET B 397 25.57 -33.59 17.17
C MET B 397 24.97 -33.72 15.78
N ILE B 398 25.63 -33.14 14.79
CA ILE B 398 25.14 -33.18 13.42
C ILE B 398 25.10 -34.59 12.81
N PRO B 399 26.24 -35.31 12.81
CA PRO B 399 26.26 -36.67 12.23
C PRO B 399 25.07 -37.53 12.68
N ALA B 400 24.53 -37.22 13.87
CA ALA B 400 23.39 -37.94 14.44
C ALA B 400 22.07 -37.17 14.28
N ALA B 401 22.00 -35.97 14.85
CA ALA B 401 20.81 -35.14 14.78
C ALA B 401 20.19 -35.19 13.39
N LEU B 402 21.01 -35.38 12.37
CA LEU B 402 20.54 -35.46 10.98
C LEU B 402 19.66 -36.68 10.72
N ASP B 403 20.25 -37.87 10.77
CA ASP B 403 19.53 -39.12 10.54
C ASP B 403 18.26 -39.21 11.39
N ASN B 404 18.28 -38.50 12.52
CA ASN B 404 17.15 -38.48 13.46
C ASN B 404 15.91 -37.81 12.86
N VAL B 405 16.13 -36.79 12.04
CA VAL B 405 15.04 -36.07 11.39
C VAL B 405 14.98 -36.53 9.93
N LYS B 406 16.09 -37.08 9.44
CA LYS B 406 16.19 -37.59 8.07
C LYS B 406 15.31 -38.81 7.88
N THR B 407 15.08 -39.53 8.96
CA THR B 407 14.26 -40.72 8.89
C THR B 407 12.84 -40.46 9.41
N SER B 408 12.57 -39.22 9.82
CA SER B 408 11.26 -38.83 10.33
C SER B 408 10.42 -38.07 9.28
N LEU B 409 10.76 -38.29 8.01
CA LEU B 409 10.07 -37.66 6.90
C LEU B 409 9.51 -38.74 5.98
N PRO B 410 8.24 -38.56 5.52
CA PRO B 410 7.60 -39.55 4.64
C PRO B 410 8.36 -39.80 3.33
N THR B 411 7.78 -40.60 2.45
CA THR B 411 8.42 -40.91 1.18
C THR B 411 8.13 -39.86 0.11
N ASP B 412 6.95 -39.24 0.20
CA ASP B 412 6.53 -38.23 -0.77
C ASP B 412 7.41 -36.98 -0.76
N PHE B 413 7.90 -36.59 0.42
CA PHE B 413 8.76 -35.41 0.54
C PHE B 413 9.92 -35.49 -0.44
N PRO B 414 10.23 -34.38 -1.12
CA PRO B 414 11.33 -34.28 -2.10
C PRO B 414 12.69 -34.65 -1.53
N GLU B 415 13.23 -35.78 -2.01
CA GLU B 415 14.52 -36.28 -1.57
C GLU B 415 15.71 -35.67 -2.32
N ASN B 416 15.63 -34.36 -2.55
CA ASN B 416 16.70 -33.63 -3.22
C ASN B 416 16.94 -32.33 -2.45
N VAL B 417 16.22 -32.18 -1.34
CA VAL B 417 16.32 -31.00 -0.48
C VAL B 417 17.20 -31.38 0.72
N VAL B 418 17.53 -32.67 0.79
CA VAL B 418 18.35 -33.21 1.87
C VAL B 418 19.79 -33.40 1.41
N THR B 419 19.96 -33.88 0.17
CA THR B 419 21.28 -34.13 -0.38
C THR B 419 21.99 -32.85 -0.81
N ALA B 420 21.27 -31.75 -0.78
CA ALA B 420 21.82 -30.46 -1.16
C ALA B 420 22.24 -29.68 0.09
N VAL B 421 21.32 -29.55 1.04
CA VAL B 421 21.59 -28.82 2.28
C VAL B 421 22.68 -29.52 3.11
N GLU B 422 22.39 -30.75 3.51
CA GLU B 422 23.29 -31.55 4.32
C GLU B 422 24.70 -31.62 3.72
N SER B 423 24.80 -31.93 2.43
CA SER B 423 26.08 -32.02 1.75
C SER B 423 26.96 -30.81 2.03
N ASN B 424 26.33 -29.64 2.08
CA ASN B 424 27.06 -28.40 2.34
C ASN B 424 27.17 -28.10 3.83
N VAL B 425 26.18 -28.53 4.63
CA VAL B 425 26.21 -28.30 6.06
C VAL B 425 27.37 -29.05 6.73
N LEU B 426 27.87 -30.09 6.06
CA LEU B 426 28.98 -30.89 6.56
C LEU B 426 30.31 -30.38 6.02
N ARG B 427 30.26 -29.40 5.14
CA ARG B 427 31.47 -28.80 4.57
C ARG B 427 31.99 -27.79 5.59
N LEU B 428 31.10 -26.93 6.07
CA LEU B 428 31.43 -25.90 7.06
C LEU B 428 31.53 -26.51 8.45
N HIS B 429 30.98 -27.71 8.60
CA HIS B 429 31.01 -28.40 9.87
C HIS B 429 32.44 -28.87 10.15
N GLY B 430 33.26 -28.91 9.11
CA GLY B 430 34.64 -29.33 9.28
C GLY B 430 35.38 -28.36 10.17
N ARG B 431 34.96 -27.11 10.15
CA ARG B 431 35.58 -26.06 10.98
C ARG B 431 35.34 -26.34 12.45
N LEU B 432 34.28 -27.08 12.74
CA LEU B 432 33.93 -27.43 14.11
C LEU B 432 34.51 -28.80 14.52
N SER B 433 34.62 -29.72 13.57
CA SER B 433 35.14 -31.07 13.83
C SER B 433 36.67 -31.11 13.95
N ARG B 434 37.34 -30.26 13.19
CA ARG B 434 38.80 -30.20 13.22
C ARG B 434 39.26 -29.40 14.44
N GLU B 435 38.33 -29.11 15.35
CA GLU B 435 38.65 -28.38 16.57
C GLU B 435 38.29 -29.16 17.82
N TYR B 436 37.03 -29.03 18.24
CA TYR B 436 36.54 -29.71 19.44
C TYR B 436 36.62 -31.23 19.34
N PHE C 1 4.38 -4.16 42.15
CA PHE C 1 3.30 -3.94 41.14
C PHE C 1 3.61 -4.57 39.81
N GLN C 2 4.63 -4.05 39.14
CA GLN C 2 5.00 -4.59 37.85
C GLN C 2 6.47 -4.89 37.85
N LYS C 3 6.85 -6.15 37.64
CA LYS C 3 8.27 -6.51 37.63
C LYS C 3 8.90 -5.77 36.49
N ILE C 4 10.21 -5.55 36.54
CA ILE C 4 10.90 -4.85 35.46
C ILE C 4 12.28 -5.45 35.25
N TYR C 5 12.76 -5.52 34.01
CA TYR C 5 14.06 -6.12 33.77
C TYR C 5 14.91 -5.31 32.80
N SER C 6 14.95 -3.99 32.96
CA SER C 6 15.73 -3.15 32.04
C SER C 6 15.75 -1.65 32.33
N PRO C 7 16.74 -0.96 31.77
CA PRO C 7 16.86 0.48 31.99
C PRO C 7 15.54 1.17 31.70
N THR C 8 15.26 1.21 30.41
CA THR C 8 14.11 1.82 29.79
C THR C 8 12.81 1.60 30.56
N GLN C 9 12.53 0.33 30.83
CA GLN C 9 11.32 -0.05 31.55
C GLN C 9 11.09 0.93 32.72
N LEU C 10 12.16 1.08 33.50
CA LEU C 10 12.18 1.95 34.66
C LEU C 10 11.51 3.25 34.36
N ALA C 11 12.17 3.94 33.47
CA ALA C 11 11.77 5.24 33.02
C ALA C 11 10.38 5.28 32.43
N ASN C 12 10.16 4.39 31.49
CA ASN C 12 8.89 4.35 30.83
C ASN C 12 7.86 4.41 31.93
N ALA C 13 8.19 3.80 33.05
CA ALA C 13 7.27 3.74 34.13
C ALA C 13 7.26 4.96 35.01
N MET C 14 8.40 5.27 35.59
CA MET C 14 8.41 6.43 36.43
C MET C 14 7.75 7.56 35.64
N LYS C 15 7.83 7.46 34.32
CA LYS C 15 7.24 8.50 33.49
C LYS C 15 5.74 8.51 33.67
N LEU C 16 5.13 7.35 33.46
CA LEU C 16 3.69 7.27 33.60
C LEU C 16 3.31 7.97 34.88
N VAL C 17 3.98 7.56 35.96
CA VAL C 17 3.73 8.11 37.27
C VAL C 17 3.70 9.61 37.23
N ARG C 18 4.81 10.22 36.82
CA ARG C 18 4.84 11.67 36.77
C ARG C 18 3.57 12.14 36.10
N GLN C 19 3.28 11.53 34.95
CA GLN C 19 2.11 11.92 34.18
C GLN C 19 0.81 11.74 34.96
N GLN C 20 0.77 10.71 35.77
CA GLN C 20 -0.42 10.48 36.53
C GLN C 20 -0.70 11.60 37.51
N ASN C 21 0.34 11.97 38.25
CA ASN C 21 0.24 13.00 39.26
C ASN C 21 -0.08 14.37 38.66
N GLY C 22 0.38 14.57 37.43
CA GLY C 22 0.11 15.82 36.75
C GLY C 22 1.04 16.96 37.14
N TRP C 23 2.26 16.63 37.51
CA TRP C 23 3.21 17.66 37.89
C TRP C 23 3.94 18.20 36.68
N THR C 24 4.91 19.08 36.92
CA THR C 24 5.71 19.69 35.85
C THR C 24 7.14 19.12 35.93
N GLN C 25 7.69 18.73 34.78
CA GLN C 25 9.03 18.16 34.75
C GLN C 25 10.03 19.11 35.39
N SER C 26 9.60 20.34 35.57
CA SER C 26 10.43 21.38 36.18
C SER C 26 10.39 21.35 37.73
N GLU C 27 9.21 21.55 38.33
CA GLU C 27 9.09 21.56 39.80
C GLU C 27 9.79 20.42 40.51
N LEU C 28 10.09 19.37 39.77
CA LEU C 28 10.78 18.21 40.29
C LEU C 28 12.23 18.55 40.59
N ALA C 29 12.94 18.93 39.53
CA ALA C 29 14.35 19.30 39.62
C ALA C 29 14.57 20.36 40.69
N LYS C 30 13.56 21.21 40.89
CA LYS C 30 13.62 22.28 41.89
C LYS C 30 13.22 21.78 43.27
N LYS C 31 12.01 21.24 43.39
CA LYS C 31 11.53 20.73 44.68
C LYS C 31 12.60 19.90 45.41
N ILE C 32 13.42 19.20 44.63
CA ILE C 32 14.49 18.35 45.18
C ILE C 32 15.90 18.96 45.23
N GLY C 33 16.43 19.43 44.10
CA GLY C 33 17.76 20.01 44.12
C GLY C 33 18.69 19.73 42.95
N ILE C 34 18.11 19.49 41.79
CA ILE C 34 18.92 19.21 40.63
C ILE C 34 18.36 19.95 39.45
N LYS C 35 19.01 19.73 38.31
CA LYS C 35 18.63 20.37 37.06
C LYS C 35 17.32 19.81 36.52
N GLN C 36 16.68 20.59 35.66
CA GLN C 36 15.42 20.21 35.03
C GLN C 36 15.75 19.43 33.76
N ALA C 37 16.97 19.59 33.26
CA ALA C 37 17.43 18.91 32.05
C ALA C 37 17.47 17.43 32.33
N THR C 38 18.23 17.04 33.34
CA THR C 38 18.33 15.66 33.70
C THR C 38 16.92 15.07 33.80
N ILE C 39 16.01 15.80 34.44
CA ILE C 39 14.62 15.37 34.61
C ILE C 39 14.15 14.87 33.27
N SER C 40 14.61 15.50 32.21
CA SER C 40 14.23 15.12 30.86
C SER C 40 15.15 14.04 30.27
N ASN C 41 16.44 14.15 30.55
CA ASN C 41 17.39 13.18 30.04
C ASN C 41 17.05 11.82 30.57
N PHE C 42 16.59 11.82 31.81
CA PHE C 42 16.22 10.59 32.48
C PHE C 42 14.94 9.95 31.91
N GLU C 43 13.94 10.76 31.61
CA GLU C 43 12.69 10.22 31.09
C GLU C 43 12.77 9.84 29.62
N ASN C 44 13.92 10.05 28.98
CA ASN C 44 14.03 9.68 27.56
C ASN C 44 15.18 8.68 27.35
N ASN C 45 16.27 8.87 28.07
CA ASN C 45 17.40 7.98 27.92
C ASN C 45 18.13 7.94 29.23
N PRO C 46 17.54 7.26 30.22
CA PRO C 46 18.09 7.11 31.56
C PRO C 46 19.20 6.06 31.72
N ASP C 47 19.63 5.47 30.61
CA ASP C 47 20.69 4.44 30.58
C ASP C 47 21.93 4.75 31.40
N ASN C 48 22.77 5.66 30.93
CA ASN C 48 23.92 5.98 31.71
C ASN C 48 23.48 7.15 32.57
N THR C 49 22.51 6.86 33.44
CA THR C 49 21.97 7.86 34.37
C THR C 49 22.54 7.53 35.71
N THR C 50 22.76 8.57 36.50
CA THR C 50 23.33 8.38 37.81
C THR C 50 22.45 7.55 38.72
N LEU C 51 23.10 6.77 39.58
CA LEU C 51 22.35 5.96 40.49
C LEU C 51 21.62 6.85 41.49
N THR C 52 22.37 7.56 42.33
CA THR C 52 21.77 8.44 43.34
C THR C 52 20.65 9.25 42.66
N THR C 53 20.96 9.72 41.45
CA THR C 53 20.00 10.47 40.67
C THR C 53 18.65 9.85 40.88
N PHE C 54 18.54 8.62 40.40
CA PHE C 54 17.31 7.88 40.51
C PHE C 54 16.52 8.20 41.78
N PHE C 55 17.14 8.01 42.93
CA PHE C 55 16.46 8.23 44.18
C PHE C 55 15.88 9.60 44.25
N LYS C 56 16.71 10.59 44.01
CA LYS C 56 16.24 11.95 44.05
C LYS C 56 14.90 11.98 43.33
N ILE C 57 14.88 11.48 42.10
CA ILE C 57 13.64 11.47 41.34
C ILE C 57 12.60 10.68 42.11
N LEU C 58 12.99 9.46 42.46
CA LEU C 58 12.09 8.59 43.16
C LEU C 58 11.50 9.32 44.35
N GLN C 59 12.38 9.79 45.22
CA GLN C 59 11.97 10.50 46.42
C GLN C 59 10.92 11.60 46.12
N SER C 60 11.07 12.40 45.10
CA SER C 60 10.06 13.35 44.76
C SER C 60 8.71 12.79 44.44
N LEU C 61 8.72 11.69 43.71
CA LEU C 61 7.49 11.05 43.28
C LEU C 61 6.65 10.48 44.42
N GLU C 62 6.97 10.88 45.64
CA GLU C 62 6.23 10.34 46.78
C GLU C 62 6.16 8.84 46.59
N LEU C 63 7.31 8.30 46.17
CA LEU C 63 7.52 6.87 45.87
C LEU C 63 8.81 6.22 46.45
N SER C 64 8.93 4.90 46.31
CA SER C 64 10.07 4.09 46.81
C SER C 64 10.36 2.87 45.91
N MET C 65 11.53 2.24 46.01
CA MET C 65 11.70 1.03 45.19
C MET C 65 11.82 -0.18 46.07
N THR C 66 11.66 -1.38 45.49
CA THR C 66 11.73 -2.62 46.24
C THR C 66 12.34 -3.77 45.43
N LEU C 67 12.98 -4.72 46.10
CA LEU C 67 13.58 -5.84 45.39
C LEU C 67 12.60 -7.01 45.36
N CYS C 68 12.32 -7.55 44.17
CA CYS C 68 11.39 -8.69 43.98
C CYS C 68 12.16 -9.91 43.48
N ASP C 69 11.91 -11.07 44.11
CA ASP C 69 12.58 -12.33 43.78
C ASP C 69 12.32 -12.86 42.37
N PHE F 1 -10.04 33.30 -20.39
CA PHE F 1 -10.80 32.70 -19.25
C PHE F 1 -10.96 31.18 -19.46
N GLN F 2 -12.19 30.71 -19.43
CA GLN F 2 -12.47 29.30 -19.62
C GLN F 2 -13.96 29.06 -19.89
N LYS F 3 -14.27 28.04 -20.67
CA LYS F 3 -15.65 27.72 -21.01
C LYS F 3 -16.23 26.73 -19.97
N ILE F 4 -17.39 27.09 -19.42
CA ILE F 4 -18.08 26.25 -18.43
C ILE F 4 -18.94 25.21 -19.14
N TYR F 5 -18.88 23.97 -18.67
CA TYR F 5 -19.64 22.89 -19.29
C TYR F 5 -20.64 22.15 -18.40
N SER F 6 -20.41 22.16 -17.10
CA SER F 6 -21.30 21.45 -16.18
C SER F 6 -21.56 22.29 -14.91
N PRO F 7 -22.54 21.88 -14.07
CA PRO F 7 -22.83 22.64 -12.83
C PRO F 7 -21.65 22.69 -11.86
N THR F 8 -20.84 21.63 -11.94
CA THR F 8 -19.66 21.49 -11.13
C THR F 8 -18.52 22.37 -11.66
N GLN F 9 -18.24 22.26 -12.95
CA GLN F 9 -17.19 23.06 -13.58
C GLN F 9 -17.34 24.54 -13.14
N LEU F 10 -18.56 24.91 -12.72
CA LEU F 10 -18.91 26.28 -12.29
C LEU F 10 -18.70 26.46 -10.80
N ALA F 11 -19.21 25.51 -10.04
CA ALA F 11 -19.06 25.57 -8.60
C ALA F 11 -17.58 25.73 -8.22
N ASN F 12 -16.70 25.36 -9.15
CA ASN F 12 -15.24 25.44 -8.94
C ASN F 12 -14.67 26.83 -9.02
N ALA F 13 -15.22 27.61 -9.94
CA ALA F 13 -14.76 28.96 -10.11
C ALA F 13 -15.35 29.83 -8.99
N MET F 14 -16.53 29.45 -8.51
CA MET F 14 -17.17 30.21 -7.44
C MET F 14 -16.37 30.15 -6.15
N LYS F 15 -15.61 29.06 -5.96
CA LYS F 15 -14.77 28.90 -4.77
C LYS F 15 -13.46 29.73 -4.93
N LEU F 16 -13.43 30.61 -5.93
CA LEU F 16 -12.27 31.44 -6.18
C LEU F 16 -12.62 32.83 -5.75
N VAL F 17 -13.91 33.14 -5.84
CA VAL F 17 -14.46 34.47 -5.48
C VAL F 17 -14.46 34.70 -3.98
N ARG F 18 -14.07 33.70 -3.23
CA ARG F 18 -14.03 33.80 -1.78
C ARG F 18 -12.57 33.82 -1.32
N GLN F 19 -11.87 32.71 -1.57
CA GLN F 19 -10.46 32.55 -1.20
C GLN F 19 -9.57 33.61 -1.86
N GLN F 20 -10.06 34.24 -2.91
CA GLN F 20 -9.29 35.26 -3.59
C GLN F 20 -9.86 36.62 -3.27
N ASN F 21 -11.17 36.68 -3.10
CA ASN F 21 -11.85 37.94 -2.79
C ASN F 21 -12.09 38.12 -1.29
N GLY F 22 -11.46 37.28 -0.49
CA GLY F 22 -11.61 37.38 0.96
C GLY F 22 -12.93 36.93 1.53
N TRP F 23 -14.03 37.42 0.94
CA TRP F 23 -15.35 37.07 1.43
C TRP F 23 -15.48 35.58 1.68
N THR F 24 -16.45 35.23 2.52
CA THR F 24 -16.74 33.86 2.88
C THR F 24 -18.23 33.65 2.88
N GLN F 25 -18.66 32.40 2.92
CA GLN F 25 -20.07 32.08 2.93
C GLN F 25 -20.75 32.79 4.10
N SER F 26 -20.02 32.94 5.19
CA SER F 26 -20.54 33.58 6.40
C SER F 26 -21.03 35.00 6.17
N GLU F 27 -20.70 35.57 5.02
CA GLU F 27 -21.10 36.94 4.67
C GLU F 27 -21.75 37.11 3.28
N LEU F 28 -21.25 36.37 2.30
CA LEU F 28 -21.78 36.45 0.94
C LEU F 28 -23.29 36.40 0.97
N ALA F 29 -23.82 35.54 1.83
CA ALA F 29 -25.25 35.38 1.98
C ALA F 29 -25.83 36.40 2.97
N LYS F 30 -24.97 37.00 3.79
CA LYS F 30 -25.45 37.98 4.75
C LYS F 30 -25.97 39.20 4.03
N LYS F 31 -25.48 39.40 2.80
CA LYS F 31 -25.87 40.56 2.00
C LYS F 31 -27.11 40.31 1.14
N ILE F 32 -27.34 39.05 0.80
CA ILE F 32 -28.49 38.69 -0.02
C ILE F 32 -29.60 37.95 0.76
N GLY F 33 -29.53 38.00 2.09
CA GLY F 33 -30.54 37.36 2.93
C GLY F 33 -30.86 35.88 2.72
N ILE F 34 -29.88 35.14 2.21
CA ILE F 34 -30.02 33.70 1.94
C ILE F 34 -29.23 32.85 2.97
N LYS F 35 -29.51 31.55 3.00
CA LYS F 35 -28.85 30.66 3.95
C LYS F 35 -27.52 30.13 3.44
N GLN F 36 -26.53 30.12 4.35
CA GLN F 36 -25.19 29.67 4.03
C GLN F 36 -25.22 28.23 3.54
N ALA F 37 -26.27 27.51 3.91
CA ALA F 37 -26.41 26.11 3.49
C ALA F 37 -26.30 25.99 1.98
N THR F 38 -27.24 26.62 1.29
CA THR F 38 -27.22 26.56 -0.15
C THR F 38 -25.82 26.80 -0.67
N ILE F 39 -25.14 27.75 -0.05
CA ILE F 39 -23.80 28.10 -0.44
C ILE F 39 -22.91 26.86 -0.31
N SER F 40 -22.66 26.49 0.95
CA SER F 40 -21.82 25.33 1.30
C SER F 40 -22.25 24.14 0.44
N ASN F 41 -23.54 23.88 0.41
CA ASN F 41 -24.05 22.78 -0.39
C ASN F 41 -23.68 23.01 -1.83
N PHE F 42 -24.05 24.18 -2.33
CA PHE F 42 -23.74 24.49 -3.71
C PHE F 42 -22.28 24.20 -4.02
N GLU F 43 -21.36 24.73 -3.22
CA GLU F 43 -19.92 24.53 -3.47
C GLU F 43 -19.48 23.10 -3.81
N ASN F 44 -20.15 22.11 -3.24
CA ASN F 44 -19.79 20.71 -3.45
C ASN F 44 -20.86 19.93 -4.22
N ASN F 45 -22.06 20.51 -4.27
CA ASN F 45 -23.20 19.89 -4.95
C ASN F 45 -23.99 20.95 -5.75
N PRO F 46 -23.39 21.55 -6.81
CA PRO F 46 -24.03 22.58 -7.66
C PRO F 46 -25.15 22.13 -8.60
N ASP F 47 -25.53 20.87 -8.49
CA ASP F 47 -26.57 20.31 -9.33
C ASP F 47 -27.97 20.65 -8.84
N ASN F 48 -28.20 20.44 -7.54
CA ASN F 48 -29.48 20.72 -6.89
C ASN F 48 -29.78 22.22 -6.82
N THR F 49 -28.84 23.07 -7.19
CA THR F 49 -29.15 24.46 -7.07
C THR F 49 -29.91 25.04 -8.25
N THR F 50 -30.82 25.92 -7.90
CA THR F 50 -31.64 26.53 -8.91
C THR F 50 -31.07 27.90 -9.28
N LEU F 51 -31.31 28.27 -10.54
CA LEU F 51 -30.84 29.52 -11.13
C LEU F 51 -31.07 30.82 -10.34
N THR F 52 -32.33 31.12 -9.98
CA THR F 52 -32.63 32.36 -9.22
C THR F 52 -31.67 32.51 -8.04
N THR F 53 -31.43 31.41 -7.36
CA THR F 53 -30.52 31.36 -6.22
C THR F 53 -29.09 31.61 -6.77
N PHE F 54 -28.70 30.82 -7.76
CA PHE F 54 -27.38 30.92 -8.41
C PHE F 54 -26.98 32.36 -8.69
N PHE F 55 -27.96 33.14 -9.11
CA PHE F 55 -27.73 34.54 -9.44
C PHE F 55 -27.58 35.40 -8.18
N LYS F 56 -28.33 35.10 -7.12
CA LYS F 56 -28.20 35.90 -5.90
C LYS F 56 -26.79 35.79 -5.41
N ILE F 57 -26.18 34.63 -5.67
CA ILE F 57 -24.82 34.32 -5.27
C ILE F 57 -23.89 34.75 -6.38
N LEU F 58 -24.46 34.90 -7.55
CA LEU F 58 -23.68 35.29 -8.70
C LEU F 58 -23.38 36.79 -8.64
N GLN F 59 -24.42 37.59 -8.40
CA GLN F 59 -24.32 39.07 -8.32
C GLN F 59 -23.61 39.50 -7.04
N SER F 60 -24.03 38.91 -5.92
CA SER F 60 -23.47 39.19 -4.62
C SER F 60 -21.96 38.96 -4.63
N LEU F 61 -21.46 38.45 -5.76
CA LEU F 61 -20.04 38.17 -5.93
C LEU F 61 -19.44 39.13 -6.91
N GLU F 62 -20.17 40.19 -7.25
CA GLU F 62 -19.69 41.18 -8.22
C GLU F 62 -19.34 40.49 -9.54
N LEU F 63 -20.13 39.46 -9.87
CA LEU F 63 -19.94 38.73 -11.10
C LEU F 63 -21.26 38.52 -11.83
N SER F 64 -21.16 38.48 -13.15
CA SER F 64 -22.33 38.26 -13.99
C SER F 64 -21.96 37.16 -14.99
N MET F 65 -22.97 36.47 -15.52
CA MET F 65 -22.74 35.39 -16.47
C MET F 65 -23.37 35.68 -17.80
N THR F 66 -23.00 34.88 -18.78
CA THR F 66 -23.53 35.02 -20.12
C THR F 66 -23.19 33.78 -20.92
N LEU F 67 -23.71 33.74 -22.14
CA LEU F 67 -23.48 32.62 -23.04
C LEU F 67 -22.34 32.90 -24.00
N CYS F 68 -21.87 31.85 -24.67
CA CYS F 68 -20.78 31.99 -25.61
C CYS F 68 -20.96 30.93 -26.67
N ASP F 69 -19.85 30.31 -27.09
CA ASP F 69 -19.88 29.26 -28.10
C ASP F 69 -19.27 27.97 -27.57
N ALA F 70 -19.93 26.84 -27.84
CA ALA F 70 -19.46 25.50 -27.41
C ALA F 70 -18.59 24.84 -28.50
N LYS F 71 -18.42 25.58 -29.61
CA LYS F 71 -17.67 25.19 -30.81
C LYS F 71 -17.75 23.69 -31.15
N PHE G 1 -21.13 37.06 -25.22
CA PHE G 1 -21.57 38.35 -25.80
C PHE G 1 -22.12 39.34 -24.77
N GLN G 2 -23.43 39.46 -24.71
CA GLN G 2 -24.08 40.37 -23.79
C GLN G 2 -23.89 39.92 -22.33
N LYS G 3 -24.28 40.78 -21.39
CA LYS G 3 -24.17 40.48 -19.96
C LYS G 3 -25.50 39.94 -19.41
N ILE G 4 -25.50 38.80 -18.74
CA ILE G 4 -26.74 38.26 -18.20
C ILE G 4 -26.90 38.53 -16.72
N TYR G 5 -27.92 39.31 -16.37
CA TYR G 5 -28.19 39.72 -14.98
C TYR G 5 -29.36 39.06 -14.23
N SER G 6 -30.32 38.48 -14.94
CA SER G 6 -31.48 37.84 -14.29
C SER G 6 -31.86 36.45 -14.85
N PRO G 7 -32.59 35.66 -14.05
CA PRO G 7 -33.01 34.33 -14.48
C PRO G 7 -33.87 34.41 -15.74
N THR G 8 -34.53 35.53 -15.91
CA THR G 8 -35.41 35.70 -17.06
C THR G 8 -34.58 35.80 -18.34
N GLN G 9 -33.66 36.76 -18.35
CA GLN G 9 -32.79 36.98 -19.50
C GLN G 9 -31.99 35.73 -19.80
N LEU G 10 -31.42 35.17 -18.74
CA LEU G 10 -30.60 33.97 -18.80
C LEU G 10 -31.20 33.01 -19.82
N ALA G 11 -32.47 32.70 -19.63
CA ALA G 11 -33.13 31.81 -20.55
C ALA G 11 -33.70 32.55 -21.74
N ASN G 12 -34.34 33.69 -21.49
CA ASN G 12 -34.91 34.46 -22.59
C ASN G 12 -33.99 34.38 -23.79
N ALA G 13 -32.69 34.32 -23.48
CA ALA G 13 -31.65 34.22 -24.47
C ALA G 13 -31.66 32.86 -25.19
N MET G 14 -31.36 31.80 -24.45
CA MET G 14 -31.32 30.45 -25.01
C MET G 14 -32.56 30.19 -25.89
N LYS G 15 -33.69 30.78 -25.53
CA LYS G 15 -34.94 30.60 -26.28
C LYS G 15 -34.77 31.04 -27.73
N LEU G 16 -34.32 32.27 -27.90
CA LEU G 16 -34.11 32.82 -29.23
C LEU G 16 -33.02 31.96 -29.89
N VAL G 17 -32.21 31.35 -29.04
CA VAL G 17 -31.12 30.55 -29.53
C VAL G 17 -31.58 29.34 -30.32
N ARG G 18 -32.64 28.62 -29.91
CA ARG G 18 -33.03 27.47 -30.76
C ARG G 18 -34.13 27.79 -31.78
N GLN G 19 -34.64 29.03 -31.75
CA GLN G 19 -35.66 29.41 -32.71
C GLN G 19 -35.02 29.78 -34.03
N GLN G 20 -33.96 30.59 -33.94
CA GLN G 20 -33.23 31.05 -35.11
C GLN G 20 -32.51 29.93 -35.87
N ASN G 21 -32.68 28.70 -35.41
CA ASN G 21 -32.02 27.55 -36.03
C ASN G 21 -33.04 26.52 -36.49
N GLY G 22 -34.32 26.71 -36.11
CA GLY G 22 -35.39 25.81 -36.50
C GLY G 22 -35.63 24.60 -35.63
N TRP G 23 -35.30 24.71 -34.34
CA TRP G 23 -35.46 23.61 -33.38
C TRP G 23 -36.63 23.78 -32.41
N THR G 24 -37.37 22.70 -32.22
CA THR G 24 -38.53 22.66 -31.33
C THR G 24 -38.09 22.23 -29.94
N GLN G 25 -38.91 22.58 -28.96
CA GLN G 25 -38.62 22.26 -27.57
C GLN G 25 -38.61 20.75 -27.38
N SER G 26 -39.46 20.06 -28.12
CA SER G 26 -39.54 18.61 -28.01
C SER G 26 -38.55 17.84 -28.87
N GLU G 27 -37.70 18.54 -29.62
CA GLU G 27 -36.73 17.83 -30.44
C GLU G 27 -35.31 17.99 -29.94
N LEU G 28 -35.12 18.86 -28.94
CA LEU G 28 -33.80 19.07 -28.33
C LEU G 28 -33.65 18.25 -27.08
N ALA G 29 -34.76 18.10 -26.35
CA ALA G 29 -34.73 17.31 -25.13
C ALA G 29 -34.38 15.86 -25.47
N LYS G 30 -34.48 15.54 -26.76
CA LYS G 30 -34.24 14.21 -27.30
C LYS G 30 -32.76 13.83 -27.38
N LYS G 31 -32.05 14.48 -28.30
CA LYS G 31 -30.65 14.25 -28.53
C LYS G 31 -29.84 14.34 -27.24
N ILE G 32 -30.50 14.83 -26.18
CA ILE G 32 -29.89 14.99 -24.85
C ILE G 32 -30.40 14.01 -23.80
N GLY G 33 -31.71 13.95 -23.55
CA GLY G 33 -32.23 12.96 -22.61
C GLY G 33 -33.13 13.43 -21.46
N ILE G 34 -33.98 14.42 -21.73
CA ILE G 34 -34.94 15.00 -20.77
C ILE G 34 -36.20 15.26 -21.60
N LYS G 35 -37.24 15.84 -21.02
CA LYS G 35 -38.45 16.04 -21.81
C LYS G 35 -38.67 17.38 -22.47
N GLN G 36 -39.83 17.51 -23.09
CA GLN G 36 -40.23 18.75 -23.73
C GLN G 36 -41.00 19.58 -22.70
N ALA G 37 -41.61 18.88 -21.75
CA ALA G 37 -42.36 19.52 -20.68
C ALA G 37 -41.41 20.29 -19.75
N THR G 38 -40.13 19.97 -19.88
CA THR G 38 -39.09 20.60 -19.08
C THR G 38 -38.52 21.83 -19.85
N ILE G 39 -38.00 21.60 -21.06
CA ILE G 39 -37.44 22.67 -21.90
C ILE G 39 -38.42 23.85 -21.95
N SER G 40 -39.65 23.54 -22.29
CA SER G 40 -40.74 24.51 -22.38
C SER G 40 -40.96 25.20 -21.04
N ASN G 41 -41.45 24.43 -20.07
CA ASN G 41 -41.72 24.97 -18.75
C ASN G 41 -40.58 25.90 -18.36
N PHE G 42 -39.38 25.43 -18.68
CA PHE G 42 -38.18 26.18 -18.40
C PHE G 42 -38.28 27.57 -18.99
N GLU G 43 -38.57 27.61 -20.29
CA GLU G 43 -38.68 28.85 -21.03
C GLU G 43 -39.57 29.93 -20.40
N ASN G 44 -40.78 29.56 -20.00
CA ASN G 44 -41.70 30.53 -19.42
C ASN G 44 -41.47 30.71 -17.91
N ASN G 45 -40.82 29.72 -17.29
CA ASN G 45 -40.52 29.79 -15.86
C ASN G 45 -39.11 29.19 -15.58
N PRO G 46 -38.07 29.86 -16.07
CA PRO G 46 -36.67 29.46 -15.91
C PRO G 46 -36.04 29.83 -14.59
N ASP G 47 -36.82 30.47 -13.71
CA ASP G 47 -36.31 30.87 -12.40
C ASP G 47 -35.87 29.66 -11.57
N ASN G 48 -36.76 28.69 -11.44
CA ASN G 48 -36.48 27.51 -10.65
C ASN G 48 -36.13 26.28 -11.47
N THR G 49 -35.15 26.42 -12.35
CA THR G 49 -34.63 25.31 -13.19
C THR G 49 -33.29 24.90 -12.60
N THR G 50 -33.08 23.61 -12.34
CA THR G 50 -31.84 23.24 -11.70
C THR G 50 -30.79 23.48 -12.66
N LEU G 51 -29.59 23.75 -12.15
CA LEU G 51 -28.47 24.00 -13.07
C LEU G 51 -28.20 22.90 -14.17
N THR G 52 -28.42 21.67 -13.74
CA THR G 52 -28.23 20.57 -14.59
C THR G 52 -29.09 20.87 -15.75
N THR G 53 -30.39 20.98 -15.43
CA THR G 53 -31.38 21.14 -16.46
C THR G 53 -30.87 22.38 -17.25
N PHE G 54 -30.26 23.24 -16.48
CA PHE G 54 -29.72 24.43 -17.09
C PHE G 54 -28.70 24.11 -18.22
N PHE G 55 -27.51 23.64 -17.79
CA PHE G 55 -26.39 23.26 -18.68
C PHE G 55 -26.88 22.32 -19.72
N LYS G 56 -27.34 21.13 -19.31
CA LYS G 56 -27.97 20.23 -20.29
C LYS G 56 -28.75 21.02 -21.43
N ILE G 57 -29.76 21.79 -21.05
CA ILE G 57 -30.53 22.59 -22.02
C ILE G 57 -29.52 23.17 -23.03
N LEU G 58 -28.35 23.53 -22.50
CA LEU G 58 -27.26 24.08 -23.30
C LEU G 58 -26.76 22.96 -24.27
N GLN G 59 -26.19 21.86 -23.75
CA GLN G 59 -25.68 20.75 -24.58
C GLN G 59 -26.41 20.59 -25.87
N SER G 60 -27.72 20.58 -25.73
CA SER G 60 -28.62 20.50 -26.85
C SER G 60 -28.22 21.50 -27.94
N LEU G 61 -28.27 22.78 -27.58
CA LEU G 61 -27.95 23.90 -28.48
C LEU G 61 -26.43 24.14 -28.73
N GLU G 62 -25.59 23.33 -28.13
CA GLU G 62 -24.13 23.46 -28.30
C GLU G 62 -23.67 24.84 -27.88
N LEU G 63 -23.97 25.17 -26.63
CA LEU G 63 -23.63 26.46 -26.03
C LEU G 63 -22.60 26.28 -24.93
N SER G 64 -22.15 27.42 -24.44
CA SER G 64 -21.17 27.47 -23.38
C SER G 64 -21.37 28.78 -22.62
N MET G 65 -21.40 28.67 -21.29
CA MET G 65 -21.60 29.81 -20.40
C MET G 65 -20.33 30.20 -19.62
N THR G 66 -20.21 31.48 -19.27
CA THR G 66 -19.09 31.99 -18.47
C THR G 66 -19.49 33.30 -17.81
N LEU G 67 -18.83 33.61 -16.72
CA LEU G 67 -19.10 34.82 -15.98
C LEU G 67 -18.56 36.04 -16.71
N CYS G 68 -18.48 37.14 -15.97
CA CYS G 68 -17.98 38.41 -16.48
C CYS G 68 -17.98 39.40 -15.31
N ASP G 69 -16.89 40.16 -15.17
CA ASP G 69 -16.79 41.16 -14.11
C ASP G 69 -18.04 42.02 -14.17
N ALA G 70 -18.63 42.32 -13.02
CA ALA G 70 -19.84 43.14 -12.98
C ALA G 70 -19.49 44.63 -12.96
N LYS G 71 -18.19 44.92 -13.09
CA LYS G 71 -17.63 46.27 -13.09
C LYS G 71 -18.43 47.26 -12.22
N PRO H 1 12.93 16.14 2.73
CA PRO H 1 12.40 17.41 2.16
C PRO H 1 11.17 17.26 1.22
N LYS H 2 10.30 18.27 1.21
CA LYS H 2 9.10 18.24 0.37
C LYS H 2 9.42 18.11 -1.12
N LEU H 3 8.49 17.52 -1.87
CA LEU H 3 8.66 17.32 -3.30
C LEU H 3 7.90 18.37 -4.04
N VAL H 4 8.42 18.81 -5.18
CA VAL H 4 7.78 19.86 -5.98
C VAL H 4 6.94 19.32 -7.09
N THR H 5 6.17 20.18 -7.74
CA THR H 5 5.39 19.69 -8.86
C THR H 5 5.08 20.70 -9.94
N TRP H 6 5.76 20.55 -11.07
CA TRP H 6 5.53 21.44 -12.20
C TRP H 6 4.61 20.78 -13.21
N MET H 7 4.14 21.56 -14.17
CA MET H 7 3.25 21.06 -15.22
C MET H 7 3.83 21.62 -16.52
N ASN H 8 4.91 20.95 -16.96
CA ASN H 8 5.65 21.27 -18.16
C ASN H 8 6.35 22.60 -17.98
N ASN H 9 7.10 22.69 -16.89
CA ASN H 9 7.83 23.91 -16.63
C ASN H 9 6.99 25.01 -16.01
N GLN H 10 6.08 24.67 -15.14
CA GLN H 10 5.29 25.71 -14.50
C GLN H 10 5.17 25.30 -13.04
N ARG H 11 5.12 26.25 -12.13
CA ARG H 11 5.04 25.84 -10.73
C ARG H 11 3.61 25.64 -10.32
N VAL H 12 3.28 24.40 -9.94
CA VAL H 12 1.91 24.02 -9.54
C VAL H 12 1.65 24.03 -8.06
N GLY H 13 2.57 23.37 -7.36
CA GLY H 13 2.49 23.30 -5.92
C GLY H 13 3.21 22.11 -5.39
N GLU H 14 4.21 22.31 -4.54
CA GLU H 14 4.91 21.17 -3.99
C GLU H 14 4.12 20.52 -2.87
N LEU H 15 4.20 19.19 -2.85
CA LEU H 15 3.50 18.35 -1.88
C LEU H 15 4.32 18.20 -0.63
N THR H 16 3.59 18.12 0.48
CA THR H 16 4.22 18.00 1.80
C THR H 16 4.15 16.57 2.41
N LYS H 17 5.04 15.67 1.98
CA LYS H 17 5.07 14.28 2.50
C LYS H 17 5.45 14.35 3.97
N LEU H 18 4.75 13.62 4.82
CA LEU H 18 5.05 13.63 6.26
C LEU H 18 5.19 12.22 6.84
N ALA H 19 6.07 12.07 7.82
CA ALA H 19 6.30 10.79 8.47
C ALA H 19 5.02 10.04 8.82
N ASN H 20 4.24 10.61 9.75
CA ASN H 20 2.97 10.02 10.20
C ASN H 20 2.06 9.56 9.06
N GLY H 21 2.13 10.23 7.91
CA GLY H 21 1.31 9.87 6.75
C GLY H 21 0.36 10.93 6.25
N ALA H 22 0.14 11.93 7.09
CA ALA H 22 -0.76 13.04 6.79
C ALA H 22 -0.23 13.88 5.66
N HIS H 23 -0.33 13.37 4.44
CA HIS H 23 0.17 14.11 3.31
C HIS H 23 -0.66 15.37 3.04
N THR H 24 0.02 16.51 2.86
CA THR H 24 -0.63 17.81 2.57
C THR H 24 -0.09 18.50 1.31
N PHE H 25 -0.99 18.73 0.37
CA PHE H 25 -0.60 19.35 -0.88
C PHE H 25 -0.52 20.86 -0.72
N LYS H 26 -0.67 21.61 -1.81
CA LYS H 26 -0.58 23.08 -1.80
C LYS H 26 -0.73 23.60 -3.23
N TYR H 27 -0.79 24.90 -3.43
CA TYR H 27 -0.91 25.33 -4.82
C TYR H 27 0.12 26.38 -5.27
N ALA H 28 1.20 25.90 -5.93
CA ALA H 28 2.30 26.77 -6.41
C ALA H 28 1.62 27.99 -6.95
N PRO H 29 1.51 29.04 -6.10
CA PRO H 29 0.87 30.32 -6.39
C PRO H 29 0.94 30.73 -7.86
N GLU H 30 2.02 30.36 -8.56
CA GLU H 30 2.16 30.71 -9.99
C GLU H 30 1.31 29.87 -10.95
N TRP H 31 0.63 28.87 -10.40
CA TRP H 31 -0.22 28.06 -11.22
C TRP H 31 -1.63 28.57 -11.07
N LEU H 32 -2.01 28.85 -9.82
CA LEU H 32 -3.33 29.40 -9.55
C LEU H 32 -3.37 30.81 -10.10
N ALA H 33 -2.18 31.38 -10.19
CA ALA H 33 -1.98 32.74 -10.69
C ALA H 33 -2.39 32.93 -12.19
N SER H 34 -2.20 31.90 -13.03
CA SER H 34 -2.53 31.91 -14.48
C SER H 34 -4.03 31.64 -14.75
N ARG H 35 -4.66 32.43 -15.61
CA ARG H 35 -6.08 32.23 -15.84
C ARG H 35 -6.37 30.91 -16.46
N TYR H 36 -5.40 30.30 -17.12
CA TYR H 36 -5.63 29.02 -17.76
C TYR H 36 -5.23 27.91 -16.83
N ALA H 37 -5.15 28.25 -15.55
CA ALA H 37 -4.82 27.27 -14.50
C ALA H 37 -5.77 26.07 -14.58
N ARG H 38 -5.22 24.88 -14.43
CA ARG H 38 -5.98 23.63 -14.51
C ARG H 38 -5.53 22.71 -13.38
N PRO H 39 -6.46 22.23 -12.52
CA PRO H 39 -5.95 21.34 -11.46
C PRO H 39 -5.21 20.08 -11.95
N LEU H 40 -4.48 19.45 -11.02
CA LEU H 40 -3.66 18.27 -11.30
C LEU H 40 -4.50 17.13 -11.82
N SER H 41 -5.52 16.78 -11.07
CA SER H 41 -6.45 15.74 -11.45
C SER H 41 -7.76 16.22 -10.87
N LEU H 42 -8.78 16.20 -11.70
CA LEU H 42 -10.09 16.67 -11.28
C LEU H 42 -10.31 16.43 -9.80
N SER H 43 -10.03 15.21 -9.38
CA SER H 43 -10.19 14.84 -7.99
C SER H 43 -9.62 15.94 -7.09
N LEU H 44 -8.49 16.48 -7.51
CA LEU H 44 -7.83 17.51 -6.77
C LEU H 44 -8.09 18.77 -7.53
N PRO H 45 -9.26 19.37 -7.32
CA PRO H 45 -9.62 20.62 -8.02
C PRO H 45 -8.65 21.81 -7.83
N LEU H 46 -9.17 23.02 -8.05
CA LEU H 46 -8.41 24.26 -7.90
C LEU H 46 -8.83 25.13 -6.68
N GLN H 47 -7.92 25.25 -5.70
CA GLN H 47 -8.16 26.01 -4.47
C GLN H 47 -6.87 26.63 -3.88
N ARG H 48 -6.94 27.09 -2.63
CA ARG H 48 -5.82 27.72 -1.89
C ARG H 48 -4.90 26.78 -1.10
N GLY H 49 -3.69 27.25 -0.78
CA GLY H 49 -2.75 26.50 0.01
C GLY H 49 -3.02 25.03 0.32
N ASN H 50 -3.01 24.66 1.61
CA ASN H 50 -3.20 23.26 2.07
C ASN H 50 -4.51 22.61 1.65
N ILE H 51 -4.41 21.34 1.29
CA ILE H 51 -5.56 20.60 0.85
C ILE H 51 -5.84 19.41 1.79
N THR H 52 -6.83 19.58 2.65
CA THR H 52 -7.20 18.56 3.62
C THR H 52 -8.06 17.41 3.07
N SER H 53 -7.64 16.82 1.95
CA SER H 53 -8.36 15.69 1.38
C SER H 53 -7.45 14.51 1.28
N ASP H 54 -8.02 13.36 0.98
CA ASP H 54 -7.24 12.15 0.88
C ASP H 54 -6.91 11.76 -0.55
N ALA H 55 -7.82 12.10 -1.45
CA ALA H 55 -7.61 11.79 -2.87
C ALA H 55 -6.18 12.17 -3.18
N VAL H 56 -5.66 13.05 -2.34
CA VAL H 56 -4.31 13.50 -2.43
C VAL H 56 -3.39 12.31 -2.70
N PHE H 57 -3.15 11.56 -1.63
CA PHE H 57 -2.28 10.39 -1.69
C PHE H 57 -2.65 9.62 -2.92
N ASN H 58 -3.89 9.18 -2.89
CA ASN H 58 -4.45 8.41 -3.96
C ASN H 58 -3.80 8.84 -5.25
N PHE H 59 -3.94 10.11 -5.60
CA PHE H 59 -3.37 10.54 -6.86
C PHE H 59 -1.91 10.15 -7.00
N PHE H 60 -1.08 10.67 -6.10
CA PHE H 60 0.37 10.41 -6.18
C PHE H 60 0.73 8.96 -6.12
N ASP H 61 -0.25 8.16 -5.75
CA ASP H 61 -0.01 6.76 -5.67
C ASP H 61 -0.20 6.12 -7.05
N ASN H 62 -1.28 6.49 -7.74
CA ASN H 62 -1.58 5.93 -9.06
C ASN H 62 -0.53 6.26 -10.12
N LEU H 63 0.52 6.96 -9.69
CA LEU H 63 1.61 7.32 -10.58
C LEU H 63 2.47 6.07 -10.84
N LEU H 64 2.11 4.96 -10.20
CA LEU H 64 2.84 3.70 -10.34
C LEU H 64 1.92 2.64 -11.00
N PRO H 65 2.51 1.55 -11.54
CA PRO H 65 1.76 0.46 -12.18
C PRO H 65 0.73 -0.26 -11.28
N ASP H 66 -0.45 -0.56 -11.83
CA ASP H 66 -1.47 -1.27 -11.05
C ASP H 66 -0.94 -2.68 -10.74
N SER H 67 -0.22 -3.27 -11.71
CA SER H 67 0.38 -4.59 -11.51
C SER H 67 1.39 -4.35 -10.40
N PRO H 68 1.13 -4.89 -9.19
CA PRO H 68 2.00 -4.74 -8.01
C PRO H 68 3.42 -5.31 -8.12
N ILE H 69 3.58 -6.33 -8.98
CA ILE H 69 4.86 -7.02 -9.23
C ILE H 69 5.92 -6.09 -9.87
N VAL H 70 5.44 -4.93 -10.31
CA VAL H 70 6.25 -3.91 -10.98
C VAL H 70 6.73 -2.78 -10.05
N ARG H 71 6.00 -2.54 -8.96
CA ARG H 71 6.37 -1.49 -8.00
C ARG H 71 7.67 -1.76 -7.24
N ASP H 72 8.25 -2.95 -7.38
CA ASP H 72 9.44 -3.27 -6.58
C ASP H 72 10.86 -3.15 -7.18
N ARG H 73 10.99 -2.88 -8.48
CA ARG H 73 12.30 -2.74 -9.10
C ARG H 73 12.97 -1.37 -8.82
N ILE H 74 12.20 -0.30 -8.62
CA ILE H 74 12.78 1.03 -8.35
C ILE H 74 13.60 1.11 -7.06
N VAL H 75 13.33 0.21 -6.12
CA VAL H 75 14.08 0.25 -4.87
C VAL H 75 15.37 -0.57 -5.06
N LYS H 76 15.46 -1.18 -6.24
CA LYS H 76 16.57 -2.02 -6.65
C LYS H 76 17.55 -1.40 -7.68
N ARG H 77 17.10 -1.24 -8.92
CA ARG H 77 17.95 -0.69 -9.98
C ARG H 77 18.48 0.72 -9.75
N TYR H 78 17.76 1.51 -8.94
CA TYR H 78 18.17 2.88 -8.62
C TYR H 78 18.34 3.06 -7.10
N HIS H 79 18.15 1.97 -6.35
CA HIS H 79 18.27 1.95 -4.90
C HIS H 79 17.44 3.05 -4.19
N ALA H 80 16.12 2.90 -4.22
CA ALA H 80 15.23 3.85 -3.57
C ALA H 80 15.26 3.49 -2.09
N LYS H 81 14.44 4.15 -1.29
CA LYS H 81 14.41 3.87 0.15
C LYS H 81 13.30 2.89 0.48
N SER H 82 12.15 3.11 -0.14
CA SER H 82 10.97 2.27 0.06
C SER H 82 10.29 2.02 -1.29
N ARG H 83 9.00 1.74 -1.26
CA ARG H 83 8.24 1.51 -2.47
C ARG H 83 6.94 2.32 -2.38
N GLN H 84 6.96 3.26 -1.42
CA GLN H 84 5.84 4.17 -1.16
C GLN H 84 5.81 5.18 -2.29
N PRO H 85 4.71 5.94 -2.43
CA PRO H 85 4.70 6.92 -3.51
C PRO H 85 5.80 7.98 -3.39
N PHE H 86 6.35 8.12 -2.18
CA PHE H 86 7.43 9.08 -1.93
C PHE H 86 8.83 8.57 -2.37
N ASP H 87 9.18 7.33 -2.01
CA ASP H 87 10.49 6.72 -2.37
C ASP H 87 10.48 6.07 -3.77
N LEU H 88 9.28 5.81 -4.30
CA LEU H 88 9.11 5.20 -5.62
C LEU H 88 8.95 6.26 -6.69
N LEU H 89 8.98 7.53 -6.28
CA LEU H 89 8.82 8.65 -7.21
C LEU H 89 9.93 9.71 -7.06
N SER H 90 11.05 9.31 -6.48
CA SER H 90 12.21 10.20 -6.29
C SER H 90 13.22 10.04 -7.43
N GLU H 91 13.64 8.80 -7.66
CA GLU H 91 14.61 8.49 -8.71
C GLU H 91 14.02 8.64 -10.12
N ILE H 92 12.87 8.03 -10.38
CA ILE H 92 12.21 8.11 -11.69
C ILE H 92 10.93 8.95 -11.63
N GLY H 93 10.90 9.91 -10.71
CA GLY H 93 9.74 10.76 -10.55
C GLY H 93 9.69 11.94 -11.51
N ARG H 94 10.51 11.88 -12.56
CA ARG H 94 10.56 12.95 -13.58
C ARG H 94 9.40 12.88 -14.61
N ASP H 95 9.50 11.97 -15.57
CA ASP H 95 8.44 11.81 -16.56
C ASP H 95 7.26 11.03 -16.03
N SER H 96 6.15 11.74 -15.83
CA SER H 96 4.94 11.09 -15.34
C SER H 96 3.96 10.94 -16.49
N VAL H 97 3.31 9.79 -16.56
CA VAL H 97 2.32 9.56 -17.61
C VAL H 97 1.31 10.71 -17.59
N GLY H 98 1.32 11.52 -18.64
CA GLY H 98 0.41 12.65 -18.70
C GLY H 98 1.16 13.92 -19.06
N ALA H 99 1.77 14.57 -18.06
CA ALA H 99 2.52 15.81 -18.25
C ALA H 99 3.12 16.40 -16.96
N VAL H 100 2.63 15.92 -15.81
CA VAL H 100 3.08 16.38 -14.49
C VAL H 100 4.42 15.77 -14.07
N THR H 101 5.28 16.62 -13.51
CA THR H 101 6.62 16.20 -13.09
C THR H 101 6.78 16.31 -11.58
N LEU H 102 7.62 15.44 -11.03
CA LEU H 102 7.86 15.41 -9.62
C LEU H 102 9.32 15.29 -9.28
N ILE H 103 9.80 16.22 -8.48
CA ILE H 103 11.17 16.18 -8.06
C ILE H 103 11.23 17.01 -6.78
N PRO H 104 12.09 16.61 -5.82
CA PRO H 104 12.30 17.28 -4.52
C PRO H 104 12.50 18.81 -4.66
N GLU H 105 12.93 19.48 -3.58
CA GLU H 105 13.13 20.93 -3.64
C GLU H 105 14.62 21.28 -3.70
N ASP H 106 15.41 20.30 -4.10
CA ASP H 106 16.86 20.41 -4.15
C ASP H 106 17.44 19.77 -5.40
N GLU H 107 17.08 20.26 -6.58
CA GLU H 107 17.60 19.60 -7.76
C GLU H 107 17.00 20.24 -9.00
N THR H 108 16.81 21.56 -8.98
CA THR H 108 16.24 22.24 -10.15
C THR H 108 17.23 22.10 -11.31
N VAL H 109 17.44 20.85 -11.74
CA VAL H 109 18.37 20.48 -12.83
C VAL H 109 17.69 20.51 -14.21
N THR H 110 18.48 20.71 -15.25
CA THR H 110 18.00 20.77 -16.64
C THR H 110 18.96 20.05 -17.58
N HIS H 111 19.05 18.73 -17.44
CA HIS H 111 19.93 17.95 -18.31
C HIS H 111 19.49 18.27 -19.75
N PRO H 112 20.19 17.71 -20.77
CA PRO H 112 19.80 17.98 -22.18
C PRO H 112 18.29 17.83 -22.43
N ILE H 113 17.53 18.91 -22.23
CA ILE H 113 16.08 18.89 -22.41
C ILE H 113 15.68 17.97 -23.56
N MET H 114 16.57 17.82 -24.54
CA MET H 114 16.30 16.93 -25.67
C MET H 114 17.58 16.23 -26.08
N ALA H 115 17.47 14.93 -26.29
CA ALA H 115 18.60 14.15 -26.71
C ALA H 115 18.16 12.73 -26.92
N TRP H 116 18.55 12.17 -28.08
CA TRP H 116 18.18 10.81 -28.43
C TRP H 116 19.35 9.92 -28.80
N GLU H 117 19.24 8.66 -28.37
CA GLU H 117 20.27 7.66 -28.64
C GLU H 117 19.87 6.76 -29.81
N LYS H 118 20.32 7.13 -31.00
CA LYS H 118 20.04 6.39 -32.24
C LYS H 118 20.44 4.91 -32.08
N LEU H 119 19.57 4.13 -31.46
CA LEU H 119 19.86 2.73 -31.22
C LEU H 119 19.96 1.91 -32.50
N THR H 120 20.71 0.81 -32.40
CA THR H 120 20.88 -0.12 -33.53
C THR H 120 19.88 -1.23 -33.29
N GLU H 121 20.02 -2.33 -34.01
CA GLU H 121 19.09 -3.44 -33.84
C GLU H 121 19.43 -4.23 -32.58
N ALA H 122 20.66 -4.73 -32.52
CA ALA H 122 21.11 -5.50 -31.36
C ALA H 122 20.81 -4.69 -30.11
N ARG H 123 20.97 -3.37 -30.22
CA ARG H 123 20.71 -2.45 -29.11
C ARG H 123 19.20 -2.36 -28.81
N LEU H 124 18.43 -1.87 -29.77
CA LEU H 124 16.99 -1.77 -29.60
C LEU H 124 16.51 -3.03 -28.88
N GLU H 125 16.80 -4.17 -29.49
CA GLU H 125 16.42 -5.47 -28.95
C GLU H 125 16.89 -5.60 -27.50
N GLU H 126 18.18 -5.33 -27.28
CA GLU H 126 18.82 -5.44 -25.97
C GLU H 126 17.99 -4.94 -24.83
N VAL H 127 17.65 -3.67 -24.93
CA VAL H 127 16.91 -3.01 -23.90
C VAL H 127 15.65 -3.81 -23.58
N LEU H 128 15.01 -4.37 -24.60
CA LEU H 128 13.81 -5.18 -24.40
C LEU H 128 13.99 -6.63 -23.88
N THR H 129 15.03 -7.34 -24.33
CA THR H 129 15.27 -8.73 -23.88
C THR H 129 15.55 -8.79 -22.38
N ALA H 130 15.63 -7.62 -21.75
CA ALA H 130 15.90 -7.51 -20.31
C ALA H 130 14.63 -7.26 -19.49
N TYR H 131 13.53 -6.95 -20.17
CA TYR H 131 12.27 -6.69 -19.47
C TYR H 131 11.46 -7.97 -19.28
N LYS H 132 12.11 -9.01 -18.73
CA LYS H 132 11.45 -10.29 -18.47
C LYS H 132 12.08 -11.01 -17.28
N ALA H 133 13.32 -11.48 -17.46
CA ALA H 133 14.04 -12.18 -16.39
C ALA H 133 14.72 -11.16 -15.47
N ARG H 147 13.68 6.91 -15.93
CA ARG H 147 13.02 8.19 -15.63
C ARG H 147 11.80 8.34 -16.54
N ILE H 148 10.98 7.28 -16.58
CA ILE H 148 9.75 7.24 -17.39
C ILE H 148 8.72 6.32 -16.70
N SER H 149 7.44 6.46 -17.05
CA SER H 149 6.39 5.64 -16.46
C SER H 149 5.59 4.90 -17.53
N VAL H 150 5.46 3.59 -17.36
CA VAL H 150 4.71 2.76 -18.31
C VAL H 150 3.93 1.65 -17.60
N ALA H 151 2.59 1.76 -17.64
CA ALA H 151 1.69 0.78 -17.03
C ALA H 151 0.22 1.03 -17.42
N GLY H 152 -0.42 0.00 -17.99
CA GLY H 152 -1.82 0.13 -18.42
C GLY H 152 -2.59 -1.19 -18.55
N ALA H 153 -1.84 -2.31 -18.59
CA ALA H 153 -2.43 -3.64 -18.71
C ALA H 153 -1.64 -4.71 -17.92
N GLN H 154 -0.39 -4.97 -18.33
CA GLN H 154 0.47 -5.99 -17.69
C GLN H 154 1.94 -5.57 -17.48
N GLU H 155 2.71 -5.64 -18.57
CA GLU H 155 4.13 -5.29 -18.59
C GLU H 155 4.51 -4.55 -19.87
N LYS H 156 4.88 -3.28 -19.73
CA LYS H 156 5.26 -2.48 -20.90
C LYS H 156 6.18 -1.31 -20.58
N THR H 157 7.09 -1.02 -21.51
CA THR H 157 8.06 0.06 -21.41
C THR H 157 7.78 1.20 -22.43
N ALA H 158 8.43 2.34 -22.25
CA ALA H 158 8.21 3.48 -23.16
C ALA H 158 9.49 3.95 -23.84
N LEU H 159 9.43 4.18 -25.15
CA LEU H 159 10.59 4.63 -25.90
C LEU H 159 10.42 6.01 -26.55
N LEU H 160 10.97 6.15 -27.74
CA LEU H 160 10.93 7.41 -28.44
C LEU H 160 11.11 7.16 -29.93
N ARG H 161 9.98 6.99 -30.62
CA ARG H 161 9.98 6.76 -32.06
C ARG H 161 10.46 8.06 -32.70
N ILE H 162 11.57 7.98 -33.41
CA ILE H 162 12.08 9.16 -34.03
C ILE H 162 12.41 8.80 -35.44
N GLY H 163 11.44 9.06 -36.29
CA GLY H 163 11.59 8.78 -37.70
C GLY H 163 11.38 7.37 -38.23
N ASN H 164 12.50 6.68 -38.38
CA ASN H 164 12.49 5.30 -38.83
C ASN H 164 13.20 4.39 -37.83
N ASP H 165 14.04 4.99 -37.01
CA ASP H 165 14.77 4.25 -35.98
C ASP H 165 14.38 4.78 -34.60
N TRP H 166 14.20 3.87 -33.67
CA TRP H 166 13.83 4.24 -32.31
C TRP H 166 15.11 4.60 -31.55
N CYS H 167 14.99 5.43 -30.52
CA CYS H 167 16.18 5.83 -29.78
C CYS H 167 15.90 6.10 -28.32
N ILE H 168 16.79 5.63 -27.45
CA ILE H 168 16.64 5.85 -26.03
C ILE H 168 16.52 7.36 -25.76
N PRO H 169 15.55 7.77 -24.89
CA PRO H 169 15.33 9.18 -24.55
C PRO H 169 16.58 9.80 -23.96
N LYS H 170 16.38 10.76 -23.07
CA LYS H 170 17.49 11.42 -22.41
C LYS H 170 16.96 12.55 -21.57
N GLY H 171 17.60 12.74 -20.42
CA GLY H 171 17.17 13.79 -19.53
C GLY H 171 15.67 13.80 -19.44
N ILE H 172 15.13 14.93 -19.01
CA ILE H 172 13.70 15.06 -18.86
C ILE H 172 13.06 15.20 -20.24
N THR H 173 13.35 14.24 -21.12
CA THR H 173 12.82 14.16 -22.49
C THR H 173 11.59 13.26 -22.51
N PRO H 174 10.52 13.69 -23.20
CA PRO H 174 9.28 12.92 -23.29
C PRO H 174 9.37 11.67 -24.19
N THR H 175 8.43 10.73 -24.00
CA THR H 175 8.34 9.49 -24.78
C THR H 175 7.27 9.64 -25.86
N THR H 176 7.54 9.11 -27.04
CA THR H 176 6.59 9.21 -28.13
C THR H 176 5.70 7.99 -28.25
N HIS H 177 6.15 6.88 -27.69
CA HIS H 177 5.40 5.63 -27.75
C HIS H 177 5.25 4.88 -26.42
N ILE H 178 5.03 3.56 -26.55
CA ILE H 178 4.88 2.60 -25.45
C ILE H 178 5.16 1.25 -26.12
N ILE H 179 6.18 0.56 -25.66
CA ILE H 179 6.51 -0.73 -26.23
C ILE H 179 5.99 -1.87 -25.36
N LYS H 180 4.85 -2.47 -25.74
CA LYS H 180 4.28 -3.58 -24.96
C LYS H 180 4.98 -4.90 -25.30
N LEU H 181 5.65 -5.47 -24.29
CA LEU H 181 6.40 -6.71 -24.43
C LEU H 181 5.47 -7.92 -24.44
N PRO H 182 5.90 -9.02 -25.10
CA PRO H 182 5.07 -10.24 -25.17
C PRO H 182 4.65 -10.77 -23.78
N ILE H 183 3.39 -10.53 -23.40
CA ILE H 183 2.86 -10.96 -22.11
C ILE H 183 2.85 -12.47 -22.02
N LEU H 195 -3.55 -15.35 -23.00
CA LEU H 195 -2.82 -14.48 -23.91
C LEU H 195 -1.40 -15.01 -24.12
N SER H 196 -1.25 -15.98 -25.02
CA SER H 196 0.06 -16.56 -25.29
C SER H 196 0.87 -15.68 -26.26
N GLN H 197 0.19 -14.72 -26.89
CA GLN H 197 0.82 -13.78 -27.85
C GLN H 197 -0.03 -12.48 -28.02
N SER H 198 0.13 -11.55 -27.08
CA SER H 198 -0.60 -10.26 -27.00
C SER H 198 -0.30 -9.26 -28.09
N VAL H 199 0.95 -9.24 -28.50
CA VAL H 199 1.41 -8.34 -29.52
C VAL H 199 0.48 -8.38 -30.73
N ASP H 200 0.49 -9.50 -31.46
CA ASP H 200 -0.38 -9.60 -32.63
C ASP H 200 -1.85 -9.42 -32.25
N ASN H 201 -2.15 -9.66 -30.97
CA ASN H 201 -3.52 -9.54 -30.45
C ASN H 201 -4.00 -8.07 -30.43
N GLU H 202 -3.40 -7.25 -29.56
CA GLU H 202 -3.81 -5.84 -29.48
C GLU H 202 -3.69 -5.09 -30.84
N TYR H 203 -2.66 -5.43 -31.63
CA TYR H 203 -2.44 -4.80 -32.94
C TYR H 203 -3.69 -4.93 -33.80
N TYR H 204 -4.17 -6.15 -33.83
CA TYR H 204 -5.33 -6.50 -34.59
C TYR H 204 -6.51 -5.75 -34.01
N CYS H 205 -6.68 -5.87 -32.71
CA CYS H 205 -7.79 -5.20 -32.02
C CYS H 205 -7.93 -3.78 -32.51
N LEU H 206 -6.80 -3.10 -32.69
CA LEU H 206 -6.85 -1.71 -33.11
C LEU H 206 -7.23 -1.45 -34.55
N LEU H 207 -6.44 -1.98 -35.49
CA LEU H 207 -6.72 -1.74 -36.92
C LEU H 207 -8.19 -1.97 -37.26
N LEU H 208 -8.72 -3.02 -36.69
CA LEU H 208 -10.11 -3.38 -36.87
C LEU H 208 -11.01 -2.53 -36.00
N ALA H 209 -10.48 -2.07 -34.86
CA ALA H 209 -11.22 -1.24 -33.91
C ALA H 209 -11.49 0.13 -34.49
N LYS H 210 -10.45 0.76 -35.00
CA LYS H 210 -10.61 2.06 -35.60
C LYS H 210 -11.42 1.91 -36.87
N GLU H 211 -11.40 0.71 -37.45
CA GLU H 211 -12.12 0.41 -38.68
C GLU H 211 -13.63 0.66 -38.62
N LEU H 212 -14.22 0.59 -37.43
CA LEU H 212 -15.66 0.77 -37.24
C LEU H 212 -16.06 2.15 -36.76
N GLY H 213 -15.12 3.09 -36.89
CA GLY H 213 -15.38 4.46 -36.49
C GLY H 213 -14.85 4.83 -35.11
N LEU H 214 -14.34 3.86 -34.39
CA LEU H 214 -13.84 4.14 -33.08
C LEU H 214 -12.57 4.94 -33.16
N ASN H 215 -12.54 6.03 -32.41
CA ASN H 215 -11.38 6.93 -32.35
C ASN H 215 -10.24 6.34 -31.46
N VAL H 216 -9.34 5.56 -32.06
CA VAL H 216 -8.22 4.94 -31.34
C VAL H 216 -6.92 5.31 -32.00
N PRO H 217 -5.82 5.07 -31.30
CA PRO H 217 -4.43 5.32 -31.70
C PRO H 217 -3.89 4.33 -32.71
N ASP H 218 -3.27 4.87 -33.76
CA ASP H 218 -2.70 4.07 -34.82
C ASP H 218 -1.36 3.56 -34.37
N ALA H 219 -1.33 2.32 -33.90
CA ALA H 219 -0.06 1.78 -33.48
C ALA H 219 0.50 0.88 -34.58
N GLU H 220 1.70 0.37 -34.37
CA GLU H 220 2.38 -0.51 -35.33
C GLU H 220 3.27 -1.45 -34.53
N ILE H 221 3.39 -2.68 -35.01
CA ILE H 221 4.20 -3.68 -34.31
C ILE H 221 5.68 -3.38 -34.43
N ILE H 222 6.47 -4.02 -33.57
CA ILE H 222 7.91 -3.82 -33.57
C ILE H 222 8.68 -5.13 -33.68
N LYS H 223 9.68 -5.14 -34.57
CA LYS H 223 10.50 -6.31 -34.77
C LYS H 223 11.98 -5.99 -34.69
N ALA H 224 12.72 -6.85 -34.00
CA ALA H 224 14.15 -6.70 -33.85
C ALA H 224 14.82 -8.06 -33.62
N GLY H 225 15.62 -8.48 -34.59
CA GLY H 225 16.31 -9.75 -34.51
C GLY H 225 15.35 -10.91 -34.46
N ASN H 226 15.24 -11.52 -33.27
CA ASN H 226 14.36 -12.67 -33.10
C ASN H 226 13.20 -12.40 -32.13
N VAL H 227 13.20 -11.23 -31.52
CA VAL H 227 12.14 -10.89 -30.58
C VAL H 227 11.03 -10.06 -31.24
N ARG H 228 9.83 -10.21 -30.70
CA ARG H 228 8.64 -9.51 -31.20
C ARG H 228 8.05 -8.65 -30.07
N ALA H 229 7.39 -7.56 -30.43
CA ALA H 229 6.78 -6.70 -29.43
C ALA H 229 5.71 -5.79 -30.00
N LEU H 230 5.05 -5.09 -29.11
CA LEU H 230 3.97 -4.19 -29.48
C LEU H 230 4.37 -2.74 -29.39
N ALA H 231 3.90 -1.93 -30.33
CA ALA H 231 4.25 -0.53 -30.31
C ALA H 231 3.07 0.39 -30.58
N VAL H 232 2.63 1.05 -29.52
CA VAL H 232 1.51 1.98 -29.54
C VAL H 232 2.04 3.40 -29.56
N GLU H 233 1.22 4.33 -30.06
CA GLU H 233 1.62 5.74 -30.08
C GLU H 233 0.93 6.45 -28.90
N ARG H 234 1.43 7.60 -28.50
CA ARG H 234 0.84 8.28 -27.36
C ARG H 234 -0.32 9.10 -27.78
N PHE H 235 -0.87 9.83 -26.84
CA PHE H 235 -1.99 10.67 -27.12
C PHE H 235 -2.04 11.83 -26.12
N ASP H 236 -1.00 11.90 -25.28
CA ASP H 236 -0.84 12.98 -24.28
C ASP H 236 0.58 13.51 -24.42
N ARG H 237 1.03 13.46 -25.67
CA ARG H 237 2.34 13.89 -26.14
C ARG H 237 2.19 14.16 -27.72
N ARG H 238 2.45 15.38 -28.17
CA ARG H 238 2.35 15.80 -29.62
C ARG H 238 3.36 16.87 -30.16
N TRP H 239 3.79 16.68 -31.39
CA TRP H 239 4.70 17.61 -32.06
C TRP H 239 3.92 18.89 -32.50
N ASN H 240 4.38 20.06 -32.09
CA ASN H 240 3.78 21.35 -32.41
C ASN H 240 3.90 21.49 -33.92
N ALA H 241 3.51 22.64 -34.45
CA ALA H 241 3.57 22.80 -35.90
C ALA H 241 4.86 22.61 -36.75
N GLU H 242 5.93 23.15 -36.22
CA GLU H 242 7.22 23.21 -36.83
C GLU H 242 8.14 22.08 -36.46
N ARG H 243 7.68 21.11 -35.66
CA ARG H 243 8.55 20.00 -35.26
C ARG H 243 9.79 20.34 -34.41
N THR H 244 9.64 21.36 -33.57
CA THR H 244 10.72 21.76 -32.69
C THR H 244 10.47 21.18 -31.29
N VAL H 245 9.27 21.35 -30.76
CA VAL H 245 8.95 20.87 -29.40
C VAL H 245 7.97 19.65 -29.34
N LEU H 246 8.04 18.78 -28.34
CA LEU H 246 7.04 17.70 -28.25
C LEU H 246 6.48 17.69 -26.84
N LEU H 247 5.46 18.54 -26.65
CA LEU H 247 4.76 18.74 -25.37
C LEU H 247 3.97 17.55 -24.92
N ARG H 248 4.07 17.17 -23.65
CA ARG H 248 3.27 16.06 -23.21
C ARG H 248 1.94 16.79 -23.03
N LEU H 249 0.87 16.04 -23.16
CA LEU H 249 -0.44 16.61 -23.04
C LEU H 249 -1.07 16.19 -21.74
N PRO H 250 -1.74 17.14 -21.08
CA PRO H 250 -2.38 16.87 -19.80
C PRO H 250 -3.43 15.79 -19.96
N GLN H 251 -3.36 14.78 -19.09
CA GLN H 251 -4.31 13.67 -19.12
C GLN H 251 -4.40 12.97 -17.77
N GLU H 252 -5.36 12.07 -17.62
CA GLU H 252 -5.52 11.33 -16.39
C GLU H 252 -6.49 10.16 -16.62
N ASP H 253 -6.65 9.29 -15.62
CA ASP H 253 -7.57 8.17 -15.73
C ASP H 253 -8.83 8.36 -14.86
N MET H 254 -9.89 7.62 -15.22
CA MET H 254 -11.18 7.70 -14.54
C MET H 254 -11.10 7.36 -13.06
N CYS H 255 -9.99 6.75 -12.65
CA CYS H 255 -9.79 6.38 -11.26
C CYS H 255 -9.46 7.64 -10.43
N GLN H 256 -8.50 8.41 -10.93
CA GLN H 256 -8.04 9.62 -10.27
C GLN H 256 -9.04 10.70 -10.55
N THR H 257 -10.30 10.29 -10.58
CA THR H 257 -11.40 11.19 -10.87
C THR H 257 -12.20 11.43 -9.59
N PHE H 258 -12.35 10.37 -8.83
CA PHE H 258 -13.13 10.41 -7.60
C PHE H 258 -12.21 9.84 -6.49
N GLY H 259 -10.91 10.04 -6.71
CA GLY H 259 -9.87 9.63 -5.77
C GLY H 259 -9.75 8.15 -5.41
N LEU H 260 -9.51 7.31 -6.41
CA LEU H 260 -9.42 5.88 -6.16
C LEU H 260 -8.05 5.22 -6.36
N PRO H 261 -7.80 4.12 -5.69
CA PRO H 261 -6.53 3.43 -5.82
C PRO H 261 -6.70 2.35 -6.88
N SER H 262 -5.61 2.00 -7.56
CA SER H 262 -5.60 1.01 -8.62
C SER H 262 -6.31 -0.32 -8.35
N SER H 263 -6.55 -0.62 -7.09
CA SER H 263 -7.19 -1.88 -6.80
C SER H 263 -8.68 -1.89 -7.27
N VAL H 264 -9.26 -0.72 -7.64
CA VAL H 264 -10.69 -0.62 -8.05
C VAL H 264 -11.07 -0.57 -9.54
N LYS H 265 -10.15 -0.89 -10.44
CA LYS H 265 -10.48 -0.85 -11.88
C LYS H 265 -11.81 -1.51 -12.29
N TYR H 266 -11.92 -2.80 -11.99
CA TYR H 266 -13.13 -3.52 -12.30
C TYR H 266 -14.22 -3.03 -11.38
N GLU H 267 -15.27 -3.83 -11.23
CA GLU H 267 -16.40 -3.49 -10.36
C GLU H 267 -16.48 -4.44 -9.14
N SER H 268 -15.75 -5.55 -9.24
CA SER H 268 -15.69 -6.56 -8.19
C SER H 268 -14.95 -5.99 -7.00
N ASP H 269 -14.44 -4.78 -7.20
CA ASP H 269 -13.64 -4.10 -6.20
C ASP H 269 -14.30 -2.77 -5.80
N GLY H 270 -15.00 -2.15 -6.75
CA GLY H 270 -15.65 -0.89 -6.48
C GLY H 270 -15.06 0.26 -7.29
N GLY H 271 -15.18 0.16 -8.61
CA GLY H 271 -14.63 1.18 -9.47
C GLY H 271 -15.74 1.71 -10.35
N PRO H 272 -15.45 2.70 -11.21
CA PRO H 272 -16.41 3.31 -12.12
C PRO H 272 -16.63 2.40 -13.32
N GLY H 273 -17.90 2.17 -13.63
CA GLY H 273 -18.25 1.29 -14.73
C GLY H 273 -19.00 2.01 -15.78
N ILE H 274 -19.98 1.35 -16.36
CA ILE H 274 -20.74 1.98 -17.43
C ILE H 274 -21.94 2.74 -17.02
N ALA H 275 -21.94 3.03 -15.69
CA ALA H 275 -23.02 3.81 -15.06
C ALA H 275 -22.60 5.06 -14.50
N ARG H 276 -21.52 5.05 -13.71
CA ARG H 276 -20.95 6.25 -13.17
C ARG H 276 -20.28 7.12 -14.21
N ILE H 277 -19.56 6.45 -15.15
CA ILE H 277 -18.76 7.08 -16.19
C ILE H 277 -19.70 8.01 -16.92
N MET H 278 -20.83 7.45 -17.27
CA MET H 278 -21.88 8.19 -17.97
C MET H 278 -22.38 9.49 -17.31
N ALA H 279 -22.67 9.43 -16.01
CA ALA H 279 -23.18 10.61 -15.30
C ALA H 279 -22.09 11.68 -15.40
N PHE H 280 -20.86 11.23 -15.31
CA PHE H 280 -19.71 12.13 -15.34
C PHE H 280 -19.33 12.64 -16.69
N LEU H 281 -19.17 11.76 -17.67
CA LEU H 281 -18.76 12.25 -18.97
C LEU H 281 -19.73 13.35 -19.45
N MET H 282 -20.84 13.51 -18.76
CA MET H 282 -21.78 14.55 -19.20
C MET H 282 -21.22 15.97 -19.08
N GLY H 283 -20.43 16.24 -18.04
CA GLY H 283 -19.86 17.57 -17.97
C GLY H 283 -18.67 17.71 -18.90
N SER H 284 -18.64 17.12 -20.09
CA SER H 284 -17.45 17.21 -20.95
C SER H 284 -17.50 18.33 -21.98
N SER H 285 -16.34 18.64 -22.55
CA SER H 285 -16.26 19.65 -23.61
C SER H 285 -17.14 19.15 -24.74
N GLU H 286 -16.82 17.95 -25.21
CA GLU H 286 -17.60 17.31 -26.23
C GLU H 286 -18.58 16.38 -25.51
N ALA H 287 -19.44 16.96 -24.67
CA ALA H 287 -20.41 16.20 -23.91
C ALA H 287 -21.15 15.22 -24.82
N LEU H 288 -21.65 15.75 -25.92
CA LEU H 288 -22.38 14.96 -26.86
C LEU H 288 -21.57 13.85 -27.57
N LYS H 289 -20.70 14.19 -28.53
CA LYS H 289 -19.94 13.17 -29.28
C LYS H 289 -19.19 12.14 -28.40
N ASP H 290 -18.79 12.57 -27.23
CA ASP H 290 -18.06 11.69 -26.34
C ASP H 290 -18.97 10.57 -25.80
N ARG H 291 -20.15 10.95 -25.32
CA ARG H 291 -21.07 9.96 -24.75
C ARG H 291 -21.32 8.93 -25.78
N TYR H 292 -21.38 9.39 -27.03
CA TYR H 292 -21.65 8.47 -28.12
C TYR H 292 -20.51 7.50 -28.29
N ASP H 293 -19.35 8.01 -28.68
CA ASP H 293 -18.21 7.14 -28.89
C ASP H 293 -18.11 6.10 -27.76
N PHE H 294 -18.61 6.47 -26.58
CA PHE H 294 -18.57 5.60 -25.41
C PHE H 294 -19.39 4.33 -25.56
N MET H 295 -20.70 4.51 -25.55
CA MET H 295 -21.61 3.40 -25.69
C MET H 295 -21.04 2.52 -26.78
N LYS H 296 -20.65 3.17 -27.87
CA LYS H 296 -20.12 2.49 -29.04
C LYS H 296 -19.03 1.51 -28.65
N PHE H 297 -17.94 2.06 -28.16
CA PHE H 297 -16.86 1.21 -27.75
C PHE H 297 -17.44 0.06 -26.91
N GLN H 298 -18.36 0.43 -26.01
CA GLN H 298 -18.96 -0.56 -25.13
C GLN H 298 -19.38 -1.80 -25.88
N VAL H 299 -20.29 -1.66 -26.83
CA VAL H 299 -20.73 -2.82 -27.59
C VAL H 299 -19.58 -3.38 -28.40
N PHE H 300 -18.62 -2.49 -28.67
CA PHE H 300 -17.45 -2.84 -29.43
C PHE H 300 -16.73 -3.93 -28.72
N GLN H 301 -16.51 -3.68 -27.45
CA GLN H 301 -15.82 -4.65 -26.62
C GLN H 301 -16.55 -5.97 -26.67
N TRP H 302 -17.84 -5.91 -26.41
CA TRP H 302 -18.68 -7.09 -26.40
C TRP H 302 -18.33 -7.98 -27.58
N LEU H 303 -18.71 -7.51 -28.77
CA LEU H 303 -18.46 -8.25 -30.01
C LEU H 303 -17.05 -8.78 -30.13
N ILE H 304 -16.11 -7.87 -30.34
CA ILE H 304 -14.70 -8.25 -30.52
C ILE H 304 -14.24 -9.20 -29.43
N GLY H 305 -14.90 -9.17 -28.28
CA GLY H 305 -14.52 -10.06 -27.20
C GLY H 305 -13.55 -9.47 -26.18
N ALA H 306 -13.26 -8.18 -26.28
CA ALA H 306 -12.37 -7.56 -25.30
C ALA H 306 -13.09 -7.67 -23.96
N THR H 307 -12.36 -8.00 -22.92
CA THR H 307 -12.94 -8.15 -21.59
C THR H 307 -12.03 -7.59 -20.52
N GLN H 308 -10.96 -6.92 -20.98
CA GLN H 308 -9.97 -6.31 -20.08
C GLN H 308 -10.19 -4.80 -19.99
N GLY H 309 -11.39 -4.35 -20.38
CA GLY H 309 -11.73 -2.94 -20.32
C GLY H 309 -12.14 -2.43 -18.94
N HIS H 310 -11.16 -2.29 -18.05
CA HIS H 310 -11.38 -1.83 -16.67
C HIS H 310 -11.38 -0.30 -16.57
N ALA H 311 -11.78 0.21 -15.42
CA ALA H 311 -11.83 1.65 -15.22
C ALA H 311 -10.58 2.46 -15.64
N LYS H 312 -9.41 1.85 -15.62
CA LYS H 312 -8.19 2.58 -15.98
C LYS H 312 -7.90 2.59 -17.48
N ASN H 313 -8.77 2.05 -18.30
CA ASN H 313 -8.45 2.12 -19.73
C ASN H 313 -9.18 3.23 -20.42
N PHE H 314 -9.64 4.17 -19.59
CA PHE H 314 -10.36 5.36 -19.99
C PHE H 314 -9.56 6.59 -19.60
N SER H 315 -9.47 7.55 -20.52
CA SER H 315 -8.73 8.79 -20.28
C SER H 315 -9.32 10.05 -20.91
N VAL H 316 -9.38 11.13 -20.11
CA VAL H 316 -9.86 12.45 -20.56
C VAL H 316 -8.65 13.34 -20.88
N PHE H 317 -8.89 14.64 -21.00
CA PHE H 317 -7.80 15.59 -21.25
C PHE H 317 -7.97 16.72 -20.23
N ILE H 318 -6.90 16.96 -19.49
CA ILE H 318 -6.90 17.99 -18.47
C ILE H 318 -6.71 19.31 -19.17
N GLN H 319 -7.77 19.82 -19.77
CA GLN H 319 -7.71 21.07 -20.51
C GLN H 319 -7.85 22.25 -19.54
N ALA H 320 -7.36 23.41 -19.97
CA ALA H 320 -7.40 24.61 -19.14
C ALA H 320 -8.69 24.86 -18.40
N GLY H 321 -8.62 25.66 -17.34
CA GLY H 321 -9.82 25.96 -16.58
C GLY H 321 -10.50 24.78 -15.97
N GLY H 322 -10.09 23.60 -16.40
CA GLY H 322 -10.68 22.41 -15.82
C GLY H 322 -11.63 21.59 -16.66
N SER H 323 -11.50 21.66 -17.98
CA SER H 323 -12.40 20.90 -18.82
C SER H 323 -11.83 19.52 -19.17
N TYR H 324 -12.69 18.65 -19.73
CA TYR H 324 -12.39 17.22 -20.02
C TYR H 324 -13.11 16.55 -21.24
N ARG H 325 -12.37 15.95 -22.15
CA ARG H 325 -12.95 15.27 -23.33
C ARG H 325 -12.40 13.84 -23.41
N LEU H 326 -13.19 12.91 -23.91
CA LEU H 326 -12.74 11.53 -24.00
C LEU H 326 -11.57 11.30 -24.95
N THR H 327 -10.47 10.75 -24.44
CA THR H 327 -9.35 10.55 -25.33
C THR H 327 -9.59 9.27 -26.09
N PRO H 328 -8.77 9.00 -27.12
CA PRO H 328 -8.88 7.80 -27.95
C PRO H 328 -8.72 6.57 -27.11
N PHE H 329 -9.62 5.61 -27.27
CA PHE H 329 -9.60 4.37 -26.51
C PHE H 329 -8.24 3.60 -26.62
N TYR H 330 -7.96 2.74 -25.63
CA TYR H 330 -6.68 1.99 -25.54
C TYR H 330 -6.63 0.67 -24.69
N ASP H 331 -5.55 -0.08 -24.83
CA ASP H 331 -5.37 -1.36 -24.14
C ASP H 331 -6.55 -2.30 -24.42
N ILE H 332 -6.75 -2.64 -25.70
CA ILE H 332 -7.84 -3.56 -26.05
C ILE H 332 -7.34 -4.95 -26.43
N ILE H 333 -7.95 -5.96 -25.83
CA ILE H 333 -7.58 -7.31 -26.13
C ILE H 333 -8.72 -8.25 -25.81
N SER H 334 -9.09 -9.02 -26.82
CA SER H 334 -10.16 -9.98 -26.67
C SER H 334 -9.68 -11.33 -26.19
N ALA H 335 -10.53 -12.03 -25.45
CA ALA H 335 -10.18 -13.33 -24.94
C ALA H 335 -10.35 -14.39 -26.01
N PHE H 336 -10.85 -13.97 -27.16
CA PHE H 336 -11.09 -14.89 -28.25
C PHE H 336 -9.84 -15.72 -28.66
N PRO H 337 -8.65 -15.09 -28.72
CA PRO H 337 -7.44 -15.82 -29.11
C PRO H 337 -7.22 -17.12 -28.33
N VAL H 338 -7.81 -17.19 -27.15
CA VAL H 338 -7.66 -18.37 -26.31
C VAL H 338 -8.99 -18.67 -25.66
N LEU H 339 -9.63 -19.73 -26.12
CA LEU H 339 -10.92 -20.12 -25.56
C LEU H 339 -11.30 -21.53 -26.04
N GLY H 340 -11.74 -22.37 -25.11
CA GLY H 340 -12.14 -23.73 -25.45
C GLY H 340 -10.99 -24.69 -25.74
N GLY H 341 -10.10 -24.28 -26.65
CA GLY H 341 -8.95 -25.09 -27.04
C GLY H 341 -7.86 -25.28 -25.99
N THR H 342 -8.18 -24.86 -24.77
CA THR H 342 -7.27 -24.98 -23.63
C THR H 342 -8.07 -25.51 -22.45
N GLY H 343 -8.83 -24.63 -21.81
CA GLY H 343 -9.63 -25.04 -20.68
C GLY H 343 -10.66 -24.02 -20.23
N ILE H 344 -10.98 -23.06 -21.10
CA ILE H 344 -11.98 -22.04 -20.78
C ILE H 344 -12.94 -21.84 -21.94
N HIS H 345 -13.98 -22.66 -22.00
CA HIS H 345 -14.96 -22.57 -23.06
C HIS H 345 -15.49 -21.15 -23.20
N ILE H 346 -16.18 -20.91 -24.30
CA ILE H 346 -16.77 -19.60 -24.58
C ILE H 346 -17.66 -19.13 -23.42
N SER H 347 -18.46 -20.05 -22.88
CA SER H 347 -19.37 -19.72 -21.78
C SER H 347 -18.71 -18.80 -20.76
N ASP H 348 -17.42 -19.05 -20.57
CA ASP H 348 -16.62 -18.26 -19.65
C ASP H 348 -16.10 -16.98 -20.33
N LEU H 349 -16.85 -15.89 -20.19
CA LEU H 349 -16.49 -14.59 -20.74
C LEU H 349 -17.46 -13.54 -20.21
N LYS H 350 -16.91 -12.56 -19.51
CA LYS H 350 -17.75 -11.51 -18.97
C LYS H 350 -17.10 -10.17 -19.31
N LEU H 351 -17.90 -9.29 -19.91
CA LEU H 351 -17.46 -7.95 -20.32
C LEU H 351 -16.67 -7.29 -19.20
N ALA H 352 -15.58 -6.62 -19.55
CA ALA H 352 -14.79 -5.95 -18.56
C ALA H 352 -15.72 -5.40 -17.44
N MET H 353 -16.48 -4.36 -17.77
CA MET H 353 -17.40 -3.71 -16.83
C MET H 353 -18.82 -4.18 -16.97
N GLY H 354 -19.65 -3.78 -16.02
CA GLY H 354 -21.04 -4.18 -16.04
C GLY H 354 -22.06 -3.19 -16.55
N LEU H 355 -23.01 -3.72 -17.32
CA LEU H 355 -24.12 -2.96 -17.90
C LEU H 355 -25.44 -3.34 -17.25
N ASN H 356 -26.32 -2.37 -17.10
CA ASN H 356 -27.62 -2.61 -16.48
C ASN H 356 -28.23 -3.85 -17.13
N ALA H 357 -29.27 -4.41 -16.50
CA ALA H 357 -29.99 -5.61 -17.00
C ALA H 357 -31.39 -5.72 -16.35
N SER H 358 -31.95 -6.93 -16.32
CA SER H 358 -33.26 -7.16 -15.67
C SER H 358 -33.05 -7.78 -14.28
N LYS H 359 -32.13 -8.73 -14.20
CA LYS H 359 -31.79 -9.46 -12.96
C LYS H 359 -30.50 -8.91 -12.35
N GLY H 360 -30.48 -7.60 -12.09
CA GLY H 360 -29.30 -6.95 -11.54
C GLY H 360 -28.60 -6.24 -12.69
N LYS H 361 -27.42 -6.72 -13.03
CA LYS H 361 -26.66 -6.18 -14.15
C LYS H 361 -25.99 -7.42 -14.74
N LYS H 362 -26.44 -7.83 -15.92
CA LYS H 362 -25.85 -9.01 -16.52
C LYS H 362 -24.49 -8.62 -17.09
N THR H 363 -23.62 -9.60 -17.27
CA THR H 363 -22.29 -9.36 -17.79
C THR H 363 -21.81 -10.59 -18.57
N ALA H 364 -22.74 -11.21 -19.28
CA ALA H 364 -22.47 -12.41 -20.06
C ALA H 364 -22.46 -12.13 -21.56
N ILE H 365 -21.40 -12.56 -22.21
CA ILE H 365 -21.30 -12.36 -23.64
C ILE H 365 -22.56 -12.85 -24.35
N ASP H 366 -22.78 -14.15 -24.26
CA ASP H 366 -23.92 -14.79 -24.88
C ASP H 366 -25.24 -14.34 -24.32
N LYS H 367 -25.26 -13.76 -23.12
CA LYS H 367 -26.51 -13.32 -22.52
C LYS H 367 -26.82 -11.89 -22.89
N ILE H 368 -25.78 -11.13 -23.16
CA ILE H 368 -25.98 -9.75 -23.47
C ILE H 368 -26.39 -9.59 -24.90
N TYR H 369 -27.69 -9.53 -25.13
CA TYR H 369 -28.22 -9.34 -26.47
C TYR H 369 -28.51 -7.87 -26.71
N PRO H 370 -28.76 -7.50 -27.97
CA PRO H 370 -29.06 -6.10 -28.30
C PRO H 370 -30.10 -5.48 -27.37
N ARG H 371 -31.26 -6.11 -27.29
CA ARG H 371 -32.32 -5.63 -26.42
C ARG H 371 -31.74 -5.04 -25.14
N HIS H 372 -30.72 -5.72 -24.61
CA HIS H 372 -30.05 -5.27 -23.39
C HIS H 372 -29.48 -3.84 -23.50
N PHE H 373 -28.46 -3.62 -24.31
CA PHE H 373 -27.89 -2.28 -24.45
C PHE H 373 -28.99 -1.22 -24.48
N LEU H 374 -30.09 -1.55 -25.16
CA LEU H 374 -31.27 -0.67 -25.32
C LEU H 374 -31.82 -0.25 -23.97
N ALA H 375 -32.15 -1.27 -23.18
CA ALA H 375 -32.64 -1.05 -21.84
C ALA H 375 -31.55 -0.23 -21.11
N THR H 376 -30.35 -0.82 -20.98
CA THR H 376 -29.26 -0.13 -20.29
C THR H 376 -29.05 1.23 -20.90
N ALA H 377 -29.66 1.45 -22.06
CA ALA H 377 -29.53 2.72 -22.73
C ALA H 377 -30.54 3.70 -22.13
N LYS H 378 -31.79 3.27 -22.00
CA LYS H 378 -32.84 4.13 -21.46
C LYS H 378 -32.70 4.36 -19.94
N VAL H 379 -31.90 3.52 -19.30
CA VAL H 379 -31.68 3.64 -17.86
C VAL H 379 -31.09 5.01 -17.52
N LEU H 380 -30.22 5.51 -18.41
CA LEU H 380 -29.57 6.80 -18.24
C LEU H 380 -30.24 7.90 -19.10
N ARG H 381 -31.23 7.48 -19.89
CA ARG H 381 -31.96 8.38 -20.79
C ARG H 381 -31.07 8.84 -21.96
N PHE H 382 -30.20 7.92 -22.37
CA PHE H 382 -29.29 8.12 -23.49
C PHE H 382 -30.14 7.92 -24.75
N PRO H 383 -30.17 8.95 -25.65
CA PRO H 383 -30.94 8.91 -26.92
C PRO H 383 -31.04 7.52 -27.57
N GLU H 384 -32.23 6.96 -27.51
CA GLU H 384 -32.48 5.63 -28.03
C GLU H 384 -32.08 5.51 -29.50
N VAL H 385 -32.59 6.44 -30.29
CA VAL H 385 -32.28 6.46 -31.70
C VAL H 385 -30.79 6.25 -31.89
N GLN H 386 -30.01 7.07 -31.21
CA GLN H 386 -28.57 6.97 -31.31
C GLN H 386 -28.19 5.51 -31.06
N MET H 387 -28.56 4.97 -29.91
CA MET H 387 -28.18 3.60 -29.67
C MET H 387 -28.50 2.72 -30.88
N HIS H 388 -29.77 2.73 -31.27
CA HIS H 388 -30.21 1.90 -32.39
C HIS H 388 -29.23 2.01 -33.53
N GLU H 389 -28.88 3.26 -33.83
CA GLU H 389 -27.96 3.55 -34.92
C GLU H 389 -26.68 2.72 -34.75
N ILE H 390 -26.01 2.92 -33.63
CA ILE H 390 -24.75 2.22 -33.34
C ILE H 390 -24.85 0.74 -33.58
N LEU H 391 -25.80 0.13 -32.89
CA LEU H 391 -25.98 -1.29 -33.05
C LEU H 391 -26.08 -1.59 -34.53
N SER H 392 -26.83 -0.76 -35.23
CA SER H 392 -27.01 -0.94 -36.64
C SER H 392 -25.68 -0.90 -37.35
N ASP H 393 -25.11 0.29 -37.38
CA ASP H 393 -23.83 0.50 -38.02
C ASP H 393 -22.91 -0.71 -37.87
N PHE H 394 -22.43 -0.95 -36.66
CA PHE H 394 -21.52 -2.08 -36.44
C PHE H 394 -22.01 -3.27 -37.19
N ALA H 395 -23.19 -3.71 -36.79
CA ALA H 395 -23.80 -4.86 -37.41
C ALA H 395 -23.38 -4.90 -38.87
N ARG H 396 -23.88 -3.95 -39.66
CA ARG H 396 -23.59 -3.90 -41.09
C ARG H 396 -22.13 -3.77 -41.54
N MET H 397 -21.40 -2.86 -40.92
CA MET H 397 -20.03 -2.62 -41.32
C MET H 397 -19.09 -3.71 -40.86
N ILE H 398 -19.45 -4.34 -39.76
CA ILE H 398 -18.62 -5.38 -39.19
C ILE H 398 -18.03 -6.37 -40.18
N PRO H 399 -18.88 -6.95 -41.04
CA PRO H 399 -18.43 -7.93 -42.03
C PRO H 399 -17.18 -7.47 -42.80
N ALA H 400 -17.29 -6.29 -43.40
CA ALA H 400 -16.20 -5.70 -44.18
C ALA H 400 -14.97 -5.48 -43.34
N ALA H 401 -15.19 -4.86 -42.19
CA ALA H 401 -14.11 -4.58 -41.28
C ALA H 401 -13.17 -5.77 -41.16
N LEU H 402 -13.69 -6.89 -40.68
CA LEU H 402 -12.88 -8.08 -40.51
C LEU H 402 -12.04 -8.35 -41.74
N ASP H 403 -12.71 -8.56 -42.85
CA ASP H 403 -12.02 -8.81 -44.10
C ASP H 403 -10.94 -7.76 -44.37
N ASN H 404 -11.33 -6.50 -44.31
CA ASN H 404 -10.39 -5.42 -44.57
C ASN H 404 -9.17 -5.49 -43.67
N VAL H 405 -9.31 -6.13 -42.53
CA VAL H 405 -8.18 -6.26 -41.61
C VAL H 405 -7.40 -7.53 -41.96
N LYS H 406 -8.12 -8.56 -42.40
CA LYS H 406 -7.53 -9.85 -42.78
C LYS H 406 -6.69 -9.72 -44.05
N THR H 407 -7.15 -8.87 -44.95
CA THR H 407 -6.46 -8.66 -46.21
C THR H 407 -5.39 -7.62 -46.03
N SER H 408 -5.24 -7.13 -44.80
CA SER H 408 -4.24 -6.12 -44.49
C SER H 408 -3.36 -6.54 -43.33
N LEU H 409 -3.12 -7.84 -43.22
CA LEU H 409 -2.29 -8.35 -42.15
C LEU H 409 -0.92 -8.77 -42.66
N PRO H 410 0.08 -8.74 -41.78
CA PRO H 410 1.44 -9.11 -42.13
C PRO H 410 1.46 -10.50 -42.77
N THR H 411 2.51 -10.75 -43.56
CA THR H 411 2.71 -12.01 -44.27
C THR H 411 3.01 -13.18 -43.35
N ASP H 412 2.74 -13.03 -42.06
CA ASP H 412 3.01 -14.10 -41.11
C ASP H 412 2.08 -14.09 -39.89
N PHE H 413 1.21 -13.08 -39.81
CA PHE H 413 0.30 -12.99 -38.70
C PHE H 413 -0.31 -14.36 -38.46
N PRO H 414 -0.25 -14.86 -37.20
CA PRO H 414 -0.79 -16.18 -36.84
C PRO H 414 -2.27 -16.36 -37.15
N GLU H 415 -2.54 -17.11 -38.22
CA GLU H 415 -3.91 -17.35 -38.66
C GLU H 415 -4.80 -17.84 -37.54
N ASN H 416 -4.19 -18.42 -36.52
CA ASN H 416 -4.95 -18.92 -35.40
C ASN H 416 -5.80 -17.78 -34.81
N VAL H 417 -5.12 -16.86 -34.13
CA VAL H 417 -5.76 -15.72 -33.52
C VAL H 417 -6.73 -15.10 -34.53
N VAL H 418 -6.27 -14.98 -35.77
CA VAL H 418 -7.04 -14.41 -36.89
C VAL H 418 -8.43 -15.03 -36.99
N THR H 419 -8.46 -16.31 -37.38
CA THR H 419 -9.70 -17.06 -37.55
C THR H 419 -10.41 -17.22 -36.22
N ALA H 420 -9.65 -17.56 -35.19
CA ALA H 420 -10.24 -17.75 -33.88
C ALA H 420 -11.14 -16.57 -33.54
N VAL H 421 -10.53 -15.42 -33.29
CA VAL H 421 -11.28 -14.23 -32.96
C VAL H 421 -12.32 -13.86 -34.00
N GLU H 422 -11.87 -13.82 -35.24
CA GLU H 422 -12.71 -13.47 -36.38
C GLU H 422 -14.03 -14.24 -36.35
N SER H 423 -13.94 -15.56 -36.21
CA SER H 423 -15.13 -16.41 -36.21
C SER H 423 -16.15 -16.06 -35.14
N ASN H 424 -15.68 -16.00 -33.90
CA ASN H 424 -16.52 -15.69 -32.76
C ASN H 424 -17.23 -14.37 -32.96
N VAL H 425 -16.46 -13.36 -33.33
CA VAL H 425 -17.01 -12.03 -33.58
C VAL H 425 -18.27 -12.16 -34.45
N LEU H 426 -18.12 -12.85 -35.58
CA LEU H 426 -19.24 -13.03 -36.49
C LEU H 426 -20.39 -13.73 -35.78
N ARG H 427 -20.07 -14.70 -34.94
CA ARG H 427 -21.11 -15.40 -34.22
C ARG H 427 -21.85 -14.36 -33.35
N LEU H 428 -21.11 -13.44 -32.75
CA LEU H 428 -21.73 -12.41 -31.92
C LEU H 428 -22.51 -11.46 -32.78
N HIS H 429 -21.89 -11.02 -33.85
CA HIS H 429 -22.52 -10.08 -34.76
C HIS H 429 -23.84 -10.68 -35.22
N GLY H 430 -23.94 -12.01 -35.15
CA GLY H 430 -25.15 -12.68 -35.57
C GLY H 430 -26.32 -12.18 -34.74
N ARG H 431 -26.02 -11.81 -33.51
CA ARG H 431 -27.04 -11.30 -32.59
C ARG H 431 -27.36 -9.86 -32.93
N LEU H 432 -27.36 -9.56 -34.23
CA LEU H 432 -27.62 -8.20 -34.68
C LEU H 432 -28.55 -8.15 -35.88
N SER H 433 -28.05 -8.64 -37.03
CA SER H 433 -28.84 -8.63 -38.27
C SER H 433 -30.19 -9.31 -38.08
N ARG H 434 -30.23 -10.26 -37.16
CA ARG H 434 -31.46 -10.99 -36.87
C ARG H 434 -32.39 -10.20 -35.94
N GLU H 435 -31.98 -8.98 -35.59
CA GLU H 435 -32.77 -8.13 -34.70
C GLU H 435 -32.94 -6.71 -35.25
N TYR H 436 -31.93 -6.27 -36.00
CA TYR H 436 -31.92 -4.93 -36.60
C TYR H 436 -31.69 -4.93 -38.12
#